data_8A2E
#
_entry.id   8A2E
#
_cell.length_a   141.680
_cell.length_b   141.680
_cell.length_c   183.880
_cell.angle_alpha   90.000
_cell.angle_beta   90.000
_cell.angle_gamma   120.000
#
_symmetry.space_group_name_H-M   'H 3'
#
loop_
_entity.id
_entity.type
_entity.pdbx_description
1 polymer '2A protein'
2 non-polymer GLYCEROL
3 non-polymer 'SULFATE ION'
4 water water
#
_entity_poly.entity_id   1
_entity_poly.type   'polypeptide(L)'
_entity_poly.pdbx_seq_one_letter_code
;MSSPYVPTDNRMMQLAYLDRGFYKHYGIIVGESVYQLDSDDIFKTALTGKARFTRTKLTPDWVIEEGCELDYFRVKYLES
SVNSEHIFSVDHNCETIAKDIFGTHTLNQHQAIGLVGTILLTAGLMSTIKTPVNATTIKEFFNHAVEGDLEHHHHHH
;
_entity_poly.pdbx_strand_id   AAA,BBB,CCC,DDD,EEE,FFF,GGG,HHH
#
loop_
_chem_comp.id
_chem_comp.type
_chem_comp.name
_chem_comp.formula
GOL non-polymer GLYCEROL 'C3 H8 O3'
SO4 non-polymer 'SULFATE ION' 'O4 S -2'
#
# COMPACT_ATOMS: atom_id res chain seq x y z
N MET A 1 -30.99 -72.30 -16.49
CA MET A 1 -31.38 -70.96 -15.94
C MET A 1 -30.13 -70.13 -15.65
N SER A 2 -30.06 -68.91 -16.16
CA SER A 2 -29.06 -67.89 -15.76
C SER A 2 -29.29 -67.58 -14.27
N SER A 3 -28.37 -66.88 -13.62
CA SER A 3 -28.40 -66.59 -12.16
C SER A 3 -29.45 -65.53 -11.85
N PRO A 4 -30.06 -65.56 -10.65
CA PRO A 4 -30.94 -64.49 -10.19
C PRO A 4 -30.22 -63.13 -10.29
N TYR A 5 -30.93 -62.10 -10.72
CA TYR A 5 -30.41 -60.74 -10.93
C TYR A 5 -31.26 -59.77 -10.12
N VAL A 6 -30.63 -58.84 -9.42
CA VAL A 6 -31.31 -57.68 -8.77
C VAL A 6 -30.60 -56.42 -9.24
N PRO A 7 -31.19 -55.64 -10.18
CA PRO A 7 -30.54 -54.44 -10.69
C PRO A 7 -30.41 -53.38 -9.58
N THR A 8 -29.28 -52.66 -9.55
CA THR A 8 -28.96 -51.60 -8.56
C THR A 8 -29.08 -50.20 -9.18
N ASP A 9 -29.11 -50.13 -10.51
CA ASP A 9 -28.96 -48.85 -11.27
C ASP A 9 -30.23 -48.02 -11.17
N ASN A 10 -30.06 -46.70 -11.11
CA ASN A 10 -31.18 -45.73 -11.28
C ASN A 10 -31.64 -45.78 -12.74
N ARG A 11 -32.76 -45.11 -13.04
CA ARG A 11 -33.30 -44.98 -14.42
C ARG A 11 -32.43 -43.98 -15.20
N MET A 12 -32.60 -43.91 -16.52
CA MET A 12 -32.09 -42.79 -17.34
C MET A 12 -32.86 -41.53 -16.94
N MET A 13 -32.22 -40.37 -17.05
CA MET A 13 -32.80 -39.09 -16.56
C MET A 13 -32.04 -37.94 -17.19
N GLN A 14 -32.71 -36.79 -17.27
CA GLN A 14 -32.13 -35.53 -17.78
C GLN A 14 -32.52 -34.40 -16.84
N LEU A 15 -31.56 -33.53 -16.56
CA LEU A 15 -31.82 -32.20 -15.94
C LEU A 15 -32.53 -31.34 -16.97
N ALA A 16 -33.67 -30.76 -16.59
CA ALA A 16 -34.45 -29.84 -17.43
C ALA A 16 -34.93 -28.70 -16.55
N TYR A 17 -35.50 -27.66 -17.15
CA TYR A 17 -36.10 -26.54 -16.39
C TYR A 17 -37.33 -26.02 -17.16
N LEU A 18 -38.20 -25.32 -16.46
CA LEU A 18 -39.27 -24.48 -17.09
C LEU A 18 -38.88 -23.03 -16.91
N ASP A 19 -39.15 -22.22 -17.93
CA ASP A 19 -39.02 -20.73 -17.88
C ASP A 19 -40.15 -20.17 -16.99
N ARG A 20 -39.79 -19.59 -15.84
CA ARG A 20 -40.74 -18.90 -14.92
C ARG A 20 -40.46 -17.39 -14.89
N GLY A 21 -39.93 -16.82 -15.98
CA GLY A 21 -39.68 -15.37 -16.07
C GLY A 21 -38.44 -14.96 -15.32
N PHE A 22 -38.47 -14.92 -13.98
CA PHE A 22 -37.34 -14.39 -13.17
C PHE A 22 -36.43 -15.53 -12.69
N TYR A 23 -36.78 -16.80 -12.96
CA TYR A 23 -35.93 -17.96 -12.61
C TYR A 23 -36.27 -19.16 -13.48
N LYS A 24 -35.33 -20.10 -13.54
CA LYS A 24 -35.53 -21.43 -14.14
C LYS A 24 -35.95 -22.41 -13.04
N HIS A 25 -37.11 -23.01 -13.22
CA HIS A 25 -37.67 -24.06 -12.34
C HIS A 25 -37.16 -25.41 -12.84
N TYR A 26 -36.30 -26.05 -12.05
CA TYR A 26 -35.51 -27.23 -12.47
C TYR A 26 -36.27 -28.51 -12.10
N GLY A 27 -36.06 -29.56 -12.88
CA GLY A 27 -36.69 -30.87 -12.67
C GLY A 27 -35.81 -31.99 -13.20
N ILE A 28 -36.13 -33.21 -12.82
CA ILE A 28 -35.43 -34.41 -13.37
C ILE A 28 -36.48 -35.16 -14.16
N ILE A 29 -36.26 -35.29 -15.47
CA ILE A 29 -37.15 -36.04 -16.40
C ILE A 29 -36.80 -37.51 -16.26
N VAL A 30 -37.78 -38.34 -15.89
CA VAL A 30 -37.73 -39.83 -15.88
C VAL A 30 -38.97 -40.34 -16.62
N GLY A 31 -38.79 -40.92 -17.80
CA GLY A 31 -39.91 -41.31 -18.69
C GLY A 31 -40.74 -40.09 -19.04
N GLU A 32 -42.05 -40.15 -18.84
CA GLU A 32 -42.98 -39.02 -19.18
C GLU A 32 -43.34 -38.29 -17.89
N SER A 33 -42.57 -38.48 -16.82
CA SER A 33 -42.79 -37.76 -15.55
C SER A 33 -41.58 -36.87 -15.22
N VAL A 34 -41.84 -35.76 -14.54
CA VAL A 34 -40.79 -34.80 -14.09
C VAL A 34 -40.92 -34.64 -12.58
N TYR A 35 -39.84 -34.96 -11.87
CA TYR A 35 -39.64 -34.68 -10.42
C TYR A 35 -39.17 -33.23 -10.25
N GLN A 36 -39.82 -32.50 -9.35
CA GLN A 36 -39.55 -31.05 -9.14
C GLN A 36 -40.10 -30.63 -7.78
N LEU A 37 -39.61 -29.52 -7.27
CA LEU A 37 -40.15 -28.88 -6.05
C LEU A 37 -41.47 -28.23 -6.43
N ASP A 38 -42.47 -28.36 -5.57
CA ASP A 38 -43.82 -27.79 -5.77
C ASP A 38 -43.77 -26.33 -5.35
N SER A 39 -43.51 -25.45 -6.31
CA SER A 39 -43.22 -24.01 -6.06
C SER A 39 -43.51 -23.21 -7.33
N ASP A 40 -44.13 -22.03 -7.16
CA ASP A 40 -44.24 -20.98 -8.21
C ASP A 40 -43.28 -19.83 -7.91
N ASP A 41 -42.54 -19.91 -6.81
CA ASP A 41 -41.62 -18.82 -6.37
C ASP A 41 -40.44 -19.43 -5.61
N ILE A 42 -39.31 -19.59 -6.29
CA ILE A 42 -38.13 -20.31 -5.73
C ILE A 42 -37.58 -19.58 -4.50
N PHE A 43 -37.68 -18.25 -4.43
CA PHE A 43 -37.18 -17.45 -3.29
C PHE A 43 -38.05 -17.72 -2.07
N LYS A 44 -39.38 -17.63 -2.22
CA LYS A 44 -40.35 -17.95 -1.14
C LYS A 44 -40.03 -19.34 -0.58
N THR A 45 -39.87 -20.32 -1.46
CA THR A 45 -39.57 -21.73 -1.09
C THR A 45 -38.35 -21.75 -0.18
N ALA A 46 -37.27 -21.09 -0.59
CA ALA A 46 -35.99 -21.06 0.13
C ALA A 46 -36.15 -20.34 1.47
N LEU A 47 -36.96 -19.27 1.50
CA LEU A 47 -37.04 -18.32 2.64
C LEU A 47 -38.07 -18.78 3.68
N THR A 48 -38.96 -19.70 3.33
CA THR A 48 -40.01 -20.28 4.21
C THR A 48 -39.69 -21.75 4.57
N GLY A 49 -38.71 -22.38 3.89
CA GLY A 49 -38.25 -23.75 4.19
C GLY A 49 -39.25 -24.82 3.78
N LYS A 50 -40.21 -24.52 2.90
CA LYS A 50 -41.24 -25.50 2.44
C LYS A 50 -40.93 -25.89 0.99
N ALA A 51 -40.14 -26.96 0.86
CA ALA A 51 -39.71 -27.55 -0.42
C ALA A 51 -40.21 -29.00 -0.48
N ARG A 52 -41.41 -29.20 -1.01
CA ARG A 52 -41.99 -30.56 -1.20
C ARG A 52 -41.82 -31.00 -2.66
N PHE A 53 -41.24 -32.16 -2.88
CA PHE A 53 -41.19 -32.80 -4.21
C PHE A 53 -42.62 -33.15 -4.63
N THR A 54 -42.93 -32.92 -5.90
CA THR A 54 -44.19 -33.33 -6.58
C THR A 54 -43.80 -33.93 -7.93
N ARG A 55 -44.75 -34.56 -8.61
CA ARG A 55 -44.50 -35.16 -9.95
C ARG A 55 -45.53 -34.57 -10.92
N THR A 56 -45.06 -34.07 -12.07
CA THR A 56 -45.94 -33.60 -13.18
C THR A 56 -45.65 -34.46 -14.41
N LYS A 57 -46.46 -34.30 -15.45
CA LYS A 57 -46.30 -35.00 -16.74
C LYS A 57 -45.37 -34.19 -17.64
N LEU A 58 -44.39 -34.85 -18.28
CA LEU A 58 -43.52 -34.19 -19.30
C LEU A 58 -44.39 -33.48 -20.32
N THR A 59 -44.15 -32.18 -20.53
CA THR A 59 -44.66 -31.36 -21.64
C THR A 59 -43.46 -30.99 -22.51
N PRO A 60 -43.67 -30.38 -23.70
CA PRO A 60 -42.58 -29.85 -24.52
C PRO A 60 -42.08 -28.47 -24.08
N ASP A 61 -42.59 -27.92 -22.98
CA ASP A 61 -42.13 -26.65 -22.39
C ASP A 61 -40.82 -26.90 -21.62
N TRP A 62 -40.51 -28.14 -21.27
CA TRP A 62 -39.30 -28.43 -20.46
C TRP A 62 -38.07 -28.34 -21.37
N VAL A 63 -37.13 -27.46 -21.03
CA VAL A 63 -35.82 -27.30 -21.73
C VAL A 63 -34.82 -28.31 -21.16
N ILE A 64 -34.31 -29.23 -21.99
CA ILE A 64 -33.17 -30.10 -21.58
C ILE A 64 -31.96 -29.18 -21.36
N GLU A 65 -31.48 -29.05 -20.11
CA GLU A 65 -30.37 -28.14 -19.72
C GLU A 65 -29.05 -28.73 -20.21
N GLU A 66 -28.63 -28.34 -21.42
CA GLU A 66 -27.50 -28.99 -22.15
C GLU A 66 -26.19 -28.31 -21.77
N GLY A 67 -26.18 -26.98 -21.79
CA GLY A 67 -25.08 -26.18 -21.20
C GLY A 67 -25.23 -26.15 -19.69
N CYS A 68 -24.86 -27.24 -19.03
CA CYS A 68 -25.04 -27.43 -17.57
C CYS A 68 -24.00 -26.57 -16.83
N GLU A 69 -24.43 -25.87 -15.78
CA GLU A 69 -23.60 -24.91 -15.00
C GLU A 69 -23.26 -25.53 -13.63
N LEU A 70 -23.86 -26.67 -13.31
CA LEU A 70 -23.36 -27.61 -12.27
C LEU A 70 -22.01 -28.16 -12.74
N ASP A 71 -20.96 -27.95 -11.95
CA ASP A 71 -19.61 -28.52 -12.17
C ASP A 71 -19.16 -29.18 -10.87
N TYR A 72 -17.97 -29.79 -10.88
CA TYR A 72 -17.43 -30.58 -9.75
C TYR A 72 -17.53 -29.80 -8.45
N PHE A 73 -17.06 -28.55 -8.47
CA PHE A 73 -16.92 -27.70 -7.26
C PHE A 73 -18.28 -27.42 -6.64
N ARG A 74 -19.27 -27.03 -7.45
CA ARG A 74 -20.64 -26.75 -6.95
C ARG A 74 -21.24 -28.04 -6.40
N VAL A 75 -21.07 -29.13 -7.11
CA VAL A 75 -21.67 -30.45 -6.73
C VAL A 75 -21.08 -30.92 -5.39
N LYS A 76 -19.78 -30.85 -5.23
CA LYS A 76 -19.09 -31.29 -3.99
C LYS A 76 -19.50 -30.38 -2.83
N TYR A 77 -19.65 -29.09 -3.05
CA TYR A 77 -20.12 -28.17 -1.99
C TYR A 77 -21.52 -28.60 -1.56
N LEU A 78 -22.39 -28.85 -2.51
CA LEU A 78 -23.82 -29.16 -2.22
C LEU A 78 -23.95 -30.53 -1.57
N GLU A 79 -23.16 -31.49 -2.03
CA GLU A 79 -23.01 -32.85 -1.44
C GLU A 79 -22.76 -32.72 0.07
N SER A 80 -21.84 -31.84 0.48
CA SER A 80 -21.35 -31.74 1.88
C SER A 80 -22.17 -30.73 2.68
N SER A 81 -23.11 -30.03 2.05
CA SER A 81 -23.94 -28.96 2.66
C SER A 81 -25.19 -29.56 3.32
N VAL A 82 -25.64 -30.73 2.85
CA VAL A 82 -26.92 -31.33 3.27
C VAL A 82 -26.62 -32.66 3.97
N ASN A 83 -27.41 -32.97 4.99
CA ASN A 83 -27.20 -34.09 5.94
C ASN A 83 -28.55 -34.76 6.17
N SER A 84 -28.89 -35.07 7.43
CA SER A 84 -30.18 -35.68 7.87
C SER A 84 -31.27 -34.60 7.98
N GLU A 85 -30.96 -33.48 8.64
CA GLU A 85 -31.92 -32.36 8.89
C GLU A 85 -31.90 -31.36 7.73
N HIS A 86 -33.03 -31.20 7.05
CA HIS A 86 -33.17 -30.28 5.90
C HIS A 86 -34.65 -29.96 5.67
N ILE A 87 -34.93 -29.06 4.73
CA ILE A 87 -36.29 -28.51 4.48
C ILE A 87 -37.08 -29.37 3.49
N PHE A 88 -36.48 -30.41 2.91
CA PHE A 88 -37.05 -31.12 1.74
C PHE A 88 -37.92 -32.29 2.18
N SER A 89 -39.03 -32.53 1.46
CA SER A 89 -40.01 -33.62 1.68
C SER A 89 -40.60 -34.06 0.34
N VAL A 90 -41.46 -35.09 0.35
CA VAL A 90 -42.12 -35.66 -0.87
C VAL A 90 -43.62 -35.79 -0.60
N ASP A 91 -44.44 -35.59 -1.64
CA ASP A 91 -45.92 -35.80 -1.54
C ASP A 91 -46.23 -37.28 -1.88
N HIS A 92 -47.49 -37.70 -1.82
CA HIS A 92 -47.90 -39.11 -2.04
C HIS A 92 -47.51 -39.56 -3.47
N ASN A 93 -47.47 -38.63 -4.43
CA ASN A 93 -47.18 -38.89 -5.87
C ASN A 93 -45.76 -39.43 -6.09
N CYS A 94 -44.83 -39.21 -5.16
CA CYS A 94 -43.38 -39.48 -5.37
C CYS A 94 -42.94 -40.71 -4.59
N GLU A 95 -43.79 -41.74 -4.51
CA GLU A 95 -43.48 -43.02 -3.80
C GLU A 95 -42.10 -43.52 -4.26
N THR A 96 -41.88 -43.63 -5.57
CA THR A 96 -40.72 -44.32 -6.18
C THR A 96 -39.56 -43.36 -6.47
N ILE A 97 -39.56 -42.14 -5.93
CA ILE A 97 -38.56 -41.10 -6.33
C ILE A 97 -37.15 -41.61 -6.00
N ALA A 98 -36.95 -42.17 -4.80
CA ALA A 98 -35.64 -42.65 -4.32
C ALA A 98 -35.11 -43.74 -5.25
N LYS A 99 -35.96 -44.66 -5.68
CA LYS A 99 -35.60 -45.81 -6.56
C LYS A 99 -35.34 -45.32 -7.99
N ASP A 100 -36.19 -44.41 -8.49
CA ASP A 100 -36.03 -43.81 -9.83
C ASP A 100 -34.70 -43.08 -9.91
N ILE A 101 -34.34 -42.29 -8.91
CA ILE A 101 -33.20 -41.34 -9.04
C ILE A 101 -31.92 -41.99 -8.54
N PHE A 102 -32.00 -42.89 -7.55
CA PHE A 102 -30.81 -43.51 -6.91
C PHE A 102 -30.71 -45.00 -7.16
N GLY A 103 -31.75 -45.67 -7.68
CA GLY A 103 -31.77 -47.13 -7.73
C GLY A 103 -31.70 -47.70 -6.32
N THR A 104 -30.84 -48.69 -6.08
CA THR A 104 -30.59 -49.29 -4.74
C THR A 104 -29.30 -48.68 -4.19
N HIS A 105 -29.40 -48.08 -3.01
CA HIS A 105 -28.51 -47.02 -2.47
C HIS A 105 -28.44 -47.18 -0.95
N THR A 106 -27.25 -46.97 -0.37
CA THR A 106 -26.99 -47.09 1.10
C THR A 106 -27.42 -45.81 1.81
N LEU A 107 -27.68 -44.73 1.06
CA LEU A 107 -28.31 -43.47 1.56
C LEU A 107 -29.73 -43.79 2.04
N ASN A 108 -30.09 -43.34 3.25
CA ASN A 108 -31.50 -43.43 3.73
C ASN A 108 -32.37 -42.54 2.84
N GLN A 109 -33.68 -42.75 2.87
CA GLN A 109 -34.68 -41.94 2.14
C GLN A 109 -34.30 -40.46 2.32
N HIS A 110 -34.16 -40.03 3.57
CA HIS A 110 -34.08 -38.60 3.94
C HIS A 110 -32.80 -37.97 3.35
N GLN A 111 -31.67 -38.69 3.38
CA GLN A 111 -30.38 -38.19 2.83
C GLN A 111 -30.54 -38.01 1.32
N ALA A 112 -31.16 -38.99 0.66
CA ALA A 112 -31.36 -39.03 -0.80
C ALA A 112 -32.22 -37.83 -1.20
N ILE A 113 -33.35 -37.62 -0.53
CA ILE A 113 -34.32 -36.53 -0.86
C ILE A 113 -33.64 -35.18 -0.66
N GLY A 114 -32.79 -35.07 0.36
CA GLY A 114 -32.06 -33.84 0.70
C GLY A 114 -31.09 -33.46 -0.40
N LEU A 115 -30.40 -34.46 -0.97
CA LEU A 115 -29.39 -34.24 -2.03
C LEU A 115 -30.08 -33.79 -3.32
N VAL A 116 -31.15 -34.48 -3.75
CA VAL A 116 -31.88 -34.13 -5.00
C VAL A 116 -32.48 -32.73 -4.84
N GLY A 117 -33.12 -32.45 -3.70
CA GLY A 117 -33.77 -31.15 -3.44
C GLY A 117 -32.74 -30.02 -3.48
N THR A 118 -31.60 -30.24 -2.84
CA THR A 118 -30.47 -29.28 -2.78
C THR A 118 -30.02 -28.94 -4.20
N ILE A 119 -29.85 -29.94 -5.06
CA ILE A 119 -29.40 -29.72 -6.46
C ILE A 119 -30.46 -28.89 -7.20
N LEU A 120 -31.74 -29.19 -7.05
CA LEU A 120 -32.81 -28.51 -7.83
C LEU A 120 -33.00 -27.09 -7.31
N LEU A 121 -33.06 -26.92 -5.99
CA LEU A 121 -33.26 -25.58 -5.38
C LEU A 121 -32.08 -24.69 -5.73
N THR A 122 -30.87 -25.21 -5.66
CA THR A 122 -29.64 -24.44 -5.96
C THR A 122 -29.59 -24.08 -7.45
N ALA A 123 -29.89 -24.99 -8.37
CA ALA A 123 -29.87 -24.67 -9.82
C ALA A 123 -30.89 -23.54 -10.06
N GLY A 124 -32.05 -23.59 -9.41
CA GLY A 124 -33.08 -22.54 -9.55
C GLY A 124 -32.63 -21.21 -8.98
N LEU A 125 -31.98 -21.21 -7.82
CA LEU A 125 -31.55 -19.96 -7.15
C LEU A 125 -30.38 -19.30 -7.91
N MET A 126 -29.50 -20.08 -8.53
CA MET A 126 -28.35 -19.56 -9.33
C MET A 126 -28.85 -18.96 -10.66
N SER A 127 -30.06 -19.26 -11.08
CA SER A 127 -30.55 -18.94 -12.45
C SER A 127 -30.97 -17.47 -12.56
N THR A 128 -30.98 -16.69 -11.47
CA THR A 128 -31.62 -15.34 -11.49
C THR A 128 -30.59 -14.26 -11.78
N ILE A 129 -31.10 -13.08 -12.09
CA ILE A 129 -30.28 -11.90 -12.51
C ILE A 129 -29.59 -11.33 -11.28
N LYS A 130 -28.29 -11.07 -11.39
CA LYS A 130 -27.48 -10.46 -10.32
C LYS A 130 -27.91 -8.99 -10.17
N THR A 131 -27.99 -8.53 -8.93
CA THR A 131 -28.41 -7.18 -8.55
C THR A 131 -27.63 -6.79 -7.31
N PRO A 132 -27.28 -5.52 -7.08
CA PRO A 132 -26.56 -5.17 -5.87
C PRO A 132 -27.51 -5.45 -4.70
N VAL A 133 -26.94 -5.79 -3.56
CA VAL A 133 -27.70 -6.13 -2.33
C VAL A 133 -27.65 -4.91 -1.42
N ASN A 134 -28.76 -4.17 -1.37
CA ASN A 134 -28.85 -2.91 -0.58
C ASN A 134 -30.25 -2.86 0.02
N ALA A 135 -30.52 -1.81 0.80
CA ALA A 135 -31.81 -1.59 1.50
C ALA A 135 -32.95 -1.80 0.51
N THR A 136 -32.89 -1.13 -0.64
CA THR A 136 -33.94 -1.18 -1.69
C THR A 136 -34.11 -2.63 -2.14
N THR A 137 -33.04 -3.29 -2.57
CA THR A 137 -33.14 -4.64 -3.17
C THR A 137 -33.51 -5.67 -2.10
N ILE A 138 -33.10 -5.46 -0.85
CA ILE A 138 -33.38 -6.42 0.25
C ILE A 138 -34.87 -6.36 0.57
N LYS A 139 -35.45 -5.16 0.54
CA LYS A 139 -36.90 -4.94 0.78
C LYS A 139 -37.71 -5.81 -0.19
N GLU A 140 -37.45 -5.69 -1.49
CA GLU A 140 -38.24 -6.37 -2.54
C GLU A 140 -38.02 -7.89 -2.43
N PHE A 141 -36.81 -8.33 -2.09
CA PHE A 141 -36.51 -9.76 -1.91
C PHE A 141 -37.27 -10.30 -0.70
N PHE A 142 -37.39 -9.49 0.35
CA PHE A 142 -38.08 -9.85 1.61
C PHE A 142 -39.58 -10.11 1.35
N ASN A 143 -40.17 -9.48 0.32
CA ASN A 143 -41.60 -9.64 -0.04
C ASN A 143 -41.91 -11.09 -0.40
N HIS A 144 -40.98 -11.80 -1.02
CA HIS A 144 -41.13 -13.25 -1.36
C HIS A 144 -41.30 -14.07 -0.07
N ALA A 145 -40.78 -13.59 1.06
CA ALA A 145 -40.80 -14.33 2.34
C ALA A 145 -42.15 -14.18 3.03
N VAL A 146 -42.88 -13.09 2.76
CA VAL A 146 -44.03 -12.62 3.60
C VAL A 146 -45.28 -12.32 2.76
N GLU A 147 -45.25 -12.46 1.44
CA GLU A 147 -46.45 -12.14 0.60
C GLU A 147 -47.11 -13.44 0.14
N GLY A 148 -48.44 -13.51 0.27
CA GLY A 148 -49.27 -14.67 -0.08
C GLY A 148 -50.40 -14.29 -1.01
N MET B 12 -30.99 3.85 16.14
CA MET B 12 -30.96 3.07 17.41
C MET B 12 -30.46 1.64 17.12
N MET B 13 -31.31 0.79 16.50
CA MET B 13 -31.03 -0.64 16.22
C MET B 13 -31.06 -0.88 14.71
N GLN B 14 -29.91 -1.27 14.14
CA GLN B 14 -29.65 -1.20 12.67
C GLN B 14 -29.07 -2.51 12.14
N LEU B 15 -29.58 -2.91 10.99
CA LEU B 15 -29.03 -4.01 10.17
C LEU B 15 -27.64 -3.61 9.71
N ALA B 16 -26.69 -4.55 9.78
CA ALA B 16 -25.29 -4.33 9.38
C ALA B 16 -24.74 -5.62 8.81
N TYR B 17 -23.56 -5.54 8.20
CA TYR B 17 -22.91 -6.68 7.53
C TYR B 17 -21.41 -6.62 7.70
N LEU B 18 -20.81 -7.79 7.62
CA LEU B 18 -19.37 -8.02 7.36
C LEU B 18 -19.28 -8.45 5.92
N ASP B 19 -18.70 -7.62 5.05
CA ASP B 19 -18.59 -7.92 3.61
C ASP B 19 -17.50 -8.97 3.42
N ARG B 20 -17.83 -10.07 2.73
CA ARG B 20 -16.84 -11.11 2.32
CA ARG B 20 -16.84 -11.10 2.33
C ARG B 20 -16.83 -11.18 0.80
N GLY B 21 -17.30 -10.13 0.12
CA GLY B 21 -17.21 -9.96 -1.34
C GLY B 21 -18.21 -10.83 -2.07
N PHE B 22 -18.04 -12.15 -2.05
CA PHE B 22 -18.92 -13.11 -2.74
C PHE B 22 -20.23 -13.24 -1.96
N TYR B 23 -20.24 -12.74 -0.72
CA TYR B 23 -21.42 -12.77 0.19
C TYR B 23 -21.17 -11.80 1.34
N LYS B 24 -22.22 -11.61 2.14
CA LYS B 24 -22.24 -10.71 3.32
C LYS B 24 -22.83 -11.49 4.49
N HIS B 25 -22.26 -11.33 5.67
CA HIS B 25 -22.79 -11.84 6.95
C HIS B 25 -23.54 -10.69 7.61
N TYR B 26 -24.85 -10.82 7.80
CA TYR B 26 -25.71 -9.77 8.39
C TYR B 26 -25.93 -10.03 9.89
N GLY B 27 -26.15 -8.94 10.61
CA GLY B 27 -26.49 -8.91 12.04
C GLY B 27 -27.23 -7.65 12.38
N ILE B 28 -27.72 -7.56 13.61
CA ILE B 28 -28.34 -6.35 14.18
C ILE B 28 -27.41 -5.85 15.27
N ILE B 29 -26.91 -4.62 15.14
CA ILE B 29 -26.08 -3.92 16.16
C ILE B 29 -27.02 -3.46 17.28
N VAL B 30 -26.68 -3.82 18.50
CA VAL B 30 -27.36 -3.36 19.75
C VAL B 30 -26.25 -2.95 20.71
N GLY B 31 -26.09 -1.64 20.92
CA GLY B 31 -24.97 -1.04 21.68
C GLY B 31 -23.63 -1.47 21.14
N GLU B 32 -22.87 -2.24 21.92
CA GLU B 32 -21.49 -2.68 21.58
C GLU B 32 -21.51 -4.13 21.12
N SER B 33 -22.70 -4.72 20.91
CA SER B 33 -22.85 -6.12 20.46
C SER B 33 -23.62 -6.18 19.14
N VAL B 34 -23.51 -7.32 18.46
CA VAL B 34 -24.20 -7.66 17.19
C VAL B 34 -24.89 -9.01 17.39
N TYR B 35 -26.20 -9.06 17.15
CA TYR B 35 -27.02 -10.29 17.05
C TYR B 35 -26.91 -10.82 15.62
N GLN B 36 -26.48 -12.07 15.47
CA GLN B 36 -26.36 -12.69 14.13
C GLN B 36 -26.80 -14.14 14.24
N LEU B 37 -27.02 -14.80 13.11
CA LEU B 37 -27.21 -16.26 13.06
C LEU B 37 -25.85 -16.93 13.31
N ASP B 38 -25.84 -17.98 14.11
CA ASP B 38 -24.62 -18.73 14.49
C ASP B 38 -24.25 -19.65 13.33
N SER B 39 -23.66 -19.10 12.27
CA SER B 39 -23.40 -19.84 11.00
C SER B 39 -22.38 -19.06 10.16
N ASP B 40 -21.42 -19.75 9.54
CA ASP B 40 -20.49 -19.12 8.56
C ASP B 40 -20.99 -19.39 7.12
N ASP B 41 -22.13 -20.08 6.96
CA ASP B 41 -22.68 -20.45 5.63
C ASP B 41 -24.21 -20.37 5.70
N ILE B 42 -24.74 -19.20 5.38
CA ILE B 42 -26.21 -18.92 5.45
C ILE B 42 -26.94 -19.84 4.48
N PHE B 43 -26.30 -20.25 3.39
CA PHE B 43 -26.91 -21.12 2.37
C PHE B 43 -27.18 -22.48 3.00
N LYS B 44 -26.18 -23.10 3.62
CA LYS B 44 -26.35 -24.38 4.36
C LYS B 44 -27.46 -24.18 5.39
N THR B 45 -27.41 -23.08 6.12
CA THR B 45 -28.38 -22.79 7.21
C THR B 45 -29.77 -22.85 6.59
N ALA B 46 -29.98 -22.14 5.48
CA ALA B 46 -31.28 -22.10 4.77
C ALA B 46 -31.73 -23.52 4.41
N LEU B 47 -30.82 -24.39 3.96
CA LEU B 47 -31.10 -25.80 3.57
C LEU B 47 -31.48 -26.65 4.79
N THR B 48 -30.91 -26.42 5.98
CA THR B 48 -31.17 -27.29 7.16
C THR B 48 -32.54 -26.92 7.76
N GLY B 49 -32.95 -25.66 7.66
CA GLY B 49 -34.27 -25.18 8.13
C GLY B 49 -34.20 -24.73 9.59
N LYS B 50 -33.00 -24.62 10.15
CA LYS B 50 -32.78 -24.27 11.58
C LYS B 50 -31.60 -23.32 11.66
N ALA B 51 -31.65 -22.44 12.65
CA ALA B 51 -30.57 -21.47 12.95
C ALA B 51 -30.70 -21.05 14.41
N ARG B 52 -29.57 -21.00 15.11
CA ARG B 52 -29.43 -20.41 16.46
C ARG B 52 -28.89 -18.99 16.30
N PHE B 53 -29.38 -18.06 17.12
CA PHE B 53 -28.76 -16.72 17.28
C PHE B 53 -27.51 -16.82 18.14
N THR B 54 -26.57 -15.92 17.89
CA THR B 54 -25.36 -15.71 18.72
C THR B 54 -25.18 -14.20 18.88
N ARG B 55 -24.41 -13.77 19.88
CA ARG B 55 -24.05 -12.35 20.08
C ARG B 55 -22.53 -12.25 20.11
N THR B 56 -21.92 -11.40 19.28
CA THR B 56 -20.46 -11.13 19.28
C THR B 56 -20.23 -9.63 19.47
N LYS B 57 -18.99 -9.26 19.83
CA LYS B 57 -18.64 -7.85 20.09
C LYS B 57 -18.62 -7.12 18.74
N LEU B 58 -19.16 -5.90 18.72
CA LEU B 58 -19.06 -4.96 17.58
C LEU B 58 -17.58 -4.68 17.31
N THR B 59 -17.18 -4.69 16.03
CA THR B 59 -15.83 -4.26 15.57
C THR B 59 -16.04 -3.20 14.49
N PRO B 60 -14.98 -2.48 14.07
CA PRO B 60 -15.07 -1.54 12.94
C PRO B 60 -15.37 -2.20 11.59
N ASP B 61 -15.11 -3.51 11.45
CA ASP B 61 -15.35 -4.29 10.22
C ASP B 61 -16.84 -4.35 9.87
N TRP B 62 -17.75 -4.19 10.85
CA TRP B 62 -19.21 -4.16 10.62
C TRP B 62 -19.59 -2.82 9.98
N VAL B 63 -20.39 -2.86 8.92
CA VAL B 63 -20.89 -1.67 8.18
C VAL B 63 -22.42 -1.67 8.25
N ILE B 64 -22.99 -0.52 8.61
CA ILE B 64 -24.45 -0.25 8.64
C ILE B 64 -24.99 -0.38 7.21
N GLU B 65 -26.07 -1.15 7.03
CA GLU B 65 -26.86 -1.12 5.77
C GLU B 65 -27.66 0.20 5.74
N GLU B 66 -27.17 1.19 5.00
CA GLU B 66 -27.78 2.54 4.96
C GLU B 66 -29.19 2.48 4.38
N GLY B 67 -30.12 3.25 4.96
CA GLY B 67 -31.48 3.45 4.46
C GLY B 67 -32.40 2.29 4.84
N CYS B 68 -31.86 1.31 5.57
CA CYS B 68 -32.62 0.15 6.06
C CYS B 68 -33.17 0.47 7.46
N GLU B 69 -34.48 0.35 7.64
CA GLU B 69 -35.19 0.65 8.90
C GLU B 69 -35.98 -0.60 9.29
N LEU B 70 -35.68 -1.17 10.46
CA LEU B 70 -36.27 -2.46 10.91
C LEU B 70 -37.80 -2.36 10.97
N ASP B 71 -38.34 -1.17 11.27
CA ASP B 71 -39.80 -0.91 11.37
C ASP B 71 -40.51 -1.40 10.09
N TYR B 72 -39.92 -1.18 8.90
CA TYR B 72 -40.49 -1.61 7.60
C TYR B 72 -40.76 -3.11 7.61
N PHE B 73 -39.80 -3.90 8.09
CA PHE B 73 -39.83 -5.39 8.06
C PHE B 73 -40.85 -5.88 9.08
N ARG B 74 -40.93 -5.23 10.24
CA ARG B 74 -41.87 -5.59 11.34
C ARG B 74 -43.31 -5.46 10.85
N VAL B 75 -43.65 -4.33 10.23
CA VAL B 75 -45.04 -4.07 9.75
C VAL B 75 -45.43 -5.11 8.69
N LYS B 76 -44.56 -5.40 7.72
CA LYS B 76 -44.81 -6.38 6.63
C LYS B 76 -44.98 -7.77 7.23
N TYR B 77 -44.13 -8.13 8.20
CA TYR B 77 -44.06 -9.47 8.83
C TYR B 77 -45.32 -9.75 9.66
N LEU B 78 -45.72 -8.80 10.51
CA LEU B 78 -46.90 -8.95 11.40
C LEU B 78 -48.20 -8.96 10.59
N GLU B 79 -48.21 -8.32 9.41
CA GLU B 79 -49.37 -8.28 8.47
C GLU B 79 -49.44 -9.57 7.65
N SER B 80 -48.33 -10.31 7.56
CA SER B 80 -48.17 -11.50 6.68
C SER B 80 -49.06 -12.66 7.17
N SER B 81 -49.64 -13.40 6.24
CA SER B 81 -50.32 -14.70 6.48
C SER B 81 -49.46 -15.85 5.94
N VAL B 82 -48.18 -15.60 5.68
CA VAL B 82 -47.18 -16.66 5.34
C VAL B 82 -46.68 -17.28 6.67
N ASN B 83 -46.76 -18.60 6.79
CA ASN B 83 -46.10 -19.36 7.88
C ASN B 83 -44.79 -19.93 7.32
N SER B 84 -43.68 -19.58 7.95
CA SER B 84 -42.33 -20.13 7.67
C SER B 84 -42.21 -21.46 8.43
N GLU B 85 -41.42 -22.38 7.89
CA GLU B 85 -41.07 -23.65 8.57
C GLU B 85 -39.62 -23.58 9.03
N HIS B 86 -38.94 -22.44 8.83
CA HIS B 86 -37.60 -22.19 9.42
C HIS B 86 -37.77 -22.03 10.93
N ILE B 87 -36.95 -22.74 11.71
CA ILE B 87 -36.98 -22.73 13.20
C ILE B 87 -35.79 -21.90 13.66
N PHE B 88 -36.05 -20.76 14.27
CA PHE B 88 -35.04 -19.88 14.90
C PHE B 88 -35.10 -20.09 16.41
N SER B 89 -33.94 -20.33 17.02
CA SER B 89 -33.84 -20.53 18.49
C SER B 89 -32.83 -19.54 19.08
N VAL B 90 -33.01 -19.25 20.36
CA VAL B 90 -32.08 -18.48 21.21
C VAL B 90 -31.71 -19.35 22.40
N ASP B 91 -30.52 -19.16 22.96
CA ASP B 91 -30.17 -19.66 24.31
C ASP B 91 -30.06 -18.42 25.20
N HIS B 92 -29.61 -18.58 26.44
CA HIS B 92 -29.75 -17.54 27.50
C HIS B 92 -29.01 -16.26 27.09
N ASN B 93 -27.89 -16.35 26.38
CA ASN B 93 -27.08 -15.15 26.00
C ASN B 93 -27.81 -14.30 24.94
N CYS B 94 -28.89 -14.79 24.31
CA CYS B 94 -29.62 -14.02 23.26
C CYS B 94 -31.11 -13.88 23.55
N GLU B 95 -31.59 -14.25 24.74
CA GLU B 95 -33.04 -14.42 25.00
C GLU B 95 -33.74 -13.07 25.25
N THR B 96 -32.98 -11.97 25.39
CA THR B 96 -33.52 -10.59 25.56
C THR B 96 -33.69 -9.91 24.19
N ILE B 97 -33.31 -10.58 23.11
CA ILE B 97 -33.32 -10.07 21.71
C ILE B 97 -34.55 -9.18 21.47
N ALA B 98 -35.73 -9.56 21.97
CA ALA B 98 -37.01 -8.86 21.71
C ALA B 98 -36.94 -7.41 22.21
N LYS B 99 -36.89 -7.20 23.53
CA LYS B 99 -36.87 -5.84 24.12
C LYS B 99 -35.60 -5.10 23.64
N ASP B 100 -34.51 -5.81 23.38
CA ASP B 100 -33.22 -5.24 22.92
C ASP B 100 -33.37 -4.58 21.54
N ILE B 101 -34.07 -5.20 20.61
CA ILE B 101 -34.10 -4.77 19.18
C ILE B 101 -35.34 -3.89 18.95
N PHE B 102 -36.48 -4.25 19.54
CA PHE B 102 -37.79 -3.62 19.27
C PHE B 102 -38.26 -2.83 20.49
N GLY B 103 -37.35 -2.53 21.43
CA GLY B 103 -37.68 -1.76 22.64
C GLY B 103 -39.06 -2.10 23.14
N THR B 104 -39.98 -1.14 23.12
CA THR B 104 -41.32 -1.20 23.76
C THR B 104 -42.40 -1.76 22.81
N HIS B 105 -42.07 -1.98 21.52
CA HIS B 105 -43.00 -2.54 20.50
C HIS B 105 -43.64 -3.83 21.05
N THR B 106 -44.91 -4.08 20.72
CA THR B 106 -45.82 -4.98 21.48
C THR B 106 -45.81 -6.42 20.93
N LEU B 107 -45.05 -6.70 19.85
CA LEU B 107 -44.87 -8.09 19.33
C LEU B 107 -44.21 -8.96 20.42
N ASN B 108 -44.56 -10.25 20.48
CA ASN B 108 -44.08 -11.19 21.53
C ASN B 108 -42.70 -11.74 21.14
N GLN B 109 -42.14 -12.59 22.01
CA GLN B 109 -40.76 -13.11 21.86
C GLN B 109 -40.67 -13.99 20.60
N HIS B 110 -41.58 -14.93 20.38
CA HIS B 110 -41.53 -15.85 19.21
C HIS B 110 -41.59 -15.05 17.90
N GLN B 111 -42.37 -13.97 17.89
CA GLN B 111 -42.53 -13.07 16.72
C GLN B 111 -41.24 -12.28 16.50
N ALA B 112 -40.65 -11.74 17.56
CA ALA B 112 -39.38 -11.00 17.51
C ALA B 112 -38.27 -11.92 16.96
N ILE B 113 -38.19 -13.15 17.45
CA ILE B 113 -37.13 -14.13 17.04
C ILE B 113 -37.34 -14.50 15.57
N GLY B 114 -38.59 -14.75 15.17
CA GLY B 114 -38.95 -15.15 13.81
C GLY B 114 -38.65 -14.02 12.82
N LEU B 115 -39.02 -12.80 13.17
CA LEU B 115 -38.82 -11.59 12.34
C LEU B 115 -37.31 -11.39 12.14
N VAL B 116 -36.52 -11.31 13.22
CA VAL B 116 -35.07 -11.00 13.10
C VAL B 116 -34.41 -12.12 12.31
N GLY B 117 -34.76 -13.36 12.63
CA GLY B 117 -34.28 -14.55 11.90
C GLY B 117 -34.54 -14.42 10.42
N THR B 118 -35.77 -14.08 10.02
CA THR B 118 -36.18 -13.99 8.59
C THR B 118 -35.40 -12.86 7.93
N ILE B 119 -35.29 -11.69 8.56
CA ILE B 119 -34.49 -10.55 8.02
C ILE B 119 -33.07 -11.01 7.74
N LEU B 120 -32.42 -11.69 8.68
CA LEU B 120 -30.97 -12.01 8.57
C LEU B 120 -30.79 -13.14 7.55
N LEU B 121 -31.74 -14.09 7.51
CA LEU B 121 -31.68 -15.18 6.52
C LEU B 121 -31.88 -14.61 5.11
N THR B 122 -32.82 -13.67 4.97
CA THR B 122 -33.24 -13.11 3.67
C THR B 122 -32.05 -12.40 3.05
N ALA B 123 -31.48 -11.45 3.79
CA ALA B 123 -30.36 -10.59 3.34
C ALA B 123 -29.13 -11.47 3.11
N GLY B 124 -28.85 -12.39 4.05
CA GLY B 124 -27.72 -13.33 3.94
C GLY B 124 -27.83 -14.18 2.68
N LEU B 125 -28.98 -14.84 2.50
CA LEU B 125 -29.20 -15.77 1.37
C LEU B 125 -29.17 -15.00 0.04
N MET B 126 -29.78 -13.81 0.01
CA MET B 126 -29.80 -12.92 -1.17
C MET B 126 -28.36 -12.67 -1.64
N SER B 127 -27.47 -12.35 -0.70
CA SER B 127 -26.06 -11.97 -0.98
C SER B 127 -25.31 -13.16 -1.57
N THR B 128 -25.69 -14.40 -1.23
CA THR B 128 -25.04 -15.64 -1.76
C THR B 128 -25.42 -15.89 -3.23
N ILE B 129 -26.58 -15.41 -3.68
CA ILE B 129 -27.09 -15.76 -5.04
C ILE B 129 -27.24 -14.55 -5.97
N LYS B 130 -27.31 -13.31 -5.47
CA LYS B 130 -27.62 -12.12 -6.31
C LYS B 130 -26.39 -11.21 -6.47
N THR B 131 -25.35 -11.36 -5.65
CA THR B 131 -24.21 -10.41 -5.62
C THR B 131 -23.54 -10.40 -6.99
N PRO B 132 -23.42 -9.23 -7.66
CA PRO B 132 -22.67 -9.13 -8.90
C PRO B 132 -21.20 -9.30 -8.51
N VAL B 133 -20.48 -10.11 -9.26
CA VAL B 133 -19.05 -10.42 -9.02
C VAL B 133 -18.22 -9.71 -10.09
N ASN B 134 -17.07 -9.19 -9.72
CA ASN B 134 -16.15 -8.51 -10.66
C ASN B 134 -14.73 -8.81 -10.18
N ALA B 135 -13.74 -8.25 -10.85
CA ALA B 135 -12.30 -8.51 -10.60
C ALA B 135 -11.92 -8.11 -9.17
N THR B 136 -12.73 -7.28 -8.48
CA THR B 136 -12.39 -6.68 -7.16
C THR B 136 -13.10 -7.41 -6.02
N THR B 137 -14.01 -8.33 -6.33
CA THR B 137 -14.83 -9.05 -5.31
C THR B 137 -13.92 -9.77 -4.31
N ILE B 138 -12.75 -10.25 -4.73
CA ILE B 138 -11.79 -10.96 -3.84
C ILE B 138 -11.33 -10.07 -2.68
N LYS B 139 -11.27 -8.75 -2.86
CA LYS B 139 -10.69 -7.82 -1.85
C LYS B 139 -11.31 -8.08 -0.47
N GLU B 140 -12.62 -7.98 -0.32
CA GLU B 140 -13.28 -8.11 1.01
C GLU B 140 -13.36 -9.59 1.40
N PHE B 141 -13.33 -10.50 0.42
CA PHE B 141 -13.28 -11.94 0.72
C PHE B 141 -12.02 -12.20 1.55
N PHE B 142 -10.88 -11.70 1.12
CA PHE B 142 -9.59 -11.87 1.84
C PHE B 142 -9.52 -10.93 3.06
N ASN B 143 -10.09 -9.72 2.97
CA ASN B 143 -10.01 -8.71 4.07
C ASN B 143 -10.66 -9.23 5.36
N HIS B 144 -11.78 -9.95 5.25
CA HIS B 144 -12.61 -10.39 6.40
C HIS B 144 -12.64 -11.92 6.45
N ALA B 145 -11.50 -12.57 6.21
CA ALA B 145 -11.35 -14.05 6.20
C ALA B 145 -11.59 -14.61 7.62
N VAL B 146 -12.19 -15.80 7.69
CA VAL B 146 -12.68 -16.46 8.94
C VAL B 146 -11.69 -17.58 9.32
N GLU B 147 -11.85 -18.15 10.53
CA GLU B 147 -10.99 -19.23 11.08
C GLU B 147 -11.88 -20.33 11.66
N MET C 1 -4.98 16.35 20.12
CA MET C 1 -4.51 15.13 19.40
C MET C 1 -5.67 14.12 19.35
N SER C 2 -6.00 13.65 18.15
CA SER C 2 -6.95 12.52 17.90
C SER C 2 -6.34 11.21 18.44
N SER C 3 -7.17 10.17 18.62
CA SER C 3 -6.78 8.88 19.23
C SER C 3 -5.80 8.14 18.31
N PRO C 4 -4.84 7.39 18.87
CA PRO C 4 -3.96 6.51 18.08
C PRO C 4 -4.74 5.51 17.22
N TYR C 5 -4.28 5.31 15.98
CA TYR C 5 -4.99 4.47 14.98
C TYR C 5 -3.98 3.55 14.30
N VAL C 6 -4.40 2.30 14.09
CA VAL C 6 -3.67 1.30 13.27
C VAL C 6 -4.69 0.67 12.33
N PRO C 7 -4.62 0.97 11.01
CA PRO C 7 -5.53 0.34 10.05
C PRO C 7 -5.27 -1.17 9.96
N THR C 8 -6.30 -1.94 9.63
CA THR C 8 -6.31 -3.42 9.58
C THR C 8 -6.62 -3.94 8.16
N ASP C 9 -7.23 -3.09 7.33
CA ASP C 9 -7.76 -3.40 5.98
C ASP C 9 -6.62 -3.81 5.06
N ASN C 10 -6.89 -4.74 4.13
CA ASN C 10 -5.93 -5.11 3.06
C ASN C 10 -5.89 -4.00 2.01
N ARG C 11 -5.04 -4.17 1.00
CA ARG C 11 -4.91 -3.22 -0.13
C ARG C 11 -6.00 -3.50 -1.17
N MET C 12 -6.26 -2.54 -2.06
CA MET C 12 -7.08 -2.77 -3.28
C MET C 12 -6.34 -3.75 -4.18
N MET C 13 -7.09 -4.59 -4.87
CA MET C 13 -6.52 -5.70 -5.66
C MET C 13 -7.54 -6.07 -6.73
N GLN C 14 -7.08 -6.72 -7.77
CA GLN C 14 -7.96 -7.29 -8.82
C GLN C 14 -7.40 -8.67 -9.15
N LEU C 15 -8.29 -9.63 -9.35
CA LEU C 15 -8.00 -10.89 -10.02
C LEU C 15 -7.79 -10.62 -11.51
N ALA C 16 -6.77 -11.25 -12.09
CA ALA C 16 -6.33 -11.04 -13.49
C ALA C 16 -5.71 -12.34 -13.97
N TYR C 17 -5.41 -12.44 -15.27
CA TYR C 17 -4.76 -13.64 -15.84
C TYR C 17 -3.86 -13.26 -17.02
N LEU C 18 -2.91 -14.15 -17.31
CA LEU C 18 -2.12 -14.11 -18.57
C LEU C 18 -2.61 -15.25 -19.44
N ASP C 19 -2.75 -14.98 -20.74
CA ASP C 19 -3.07 -16.01 -21.75
C ASP C 19 -1.85 -16.93 -21.89
N ARG C 20 -1.99 -18.22 -21.57
CA ARG C 20 -0.92 -19.24 -21.75
C ARG C 20 -1.36 -20.25 -22.83
N GLY C 21 -2.30 -19.86 -23.69
CA GLY C 21 -2.73 -20.73 -24.80
C GLY C 21 -3.73 -21.76 -24.32
N PHE C 22 -3.31 -22.76 -23.53
CA PHE C 22 -4.19 -23.89 -23.11
C PHE C 22 -4.82 -23.58 -21.75
N TYR C 23 -4.38 -22.53 -21.05
CA TYR C 23 -5.00 -22.14 -19.76
C TYR C 23 -4.73 -20.67 -19.48
N LYS C 24 -5.49 -20.14 -18.54
CA LYS C 24 -5.35 -18.77 -18.00
C LYS C 24 -4.54 -18.87 -16.70
N HIS C 25 -3.41 -18.17 -16.66
CA HIS C 25 -2.51 -18.09 -15.49
C HIS C 25 -2.99 -16.93 -14.62
N TYR C 26 -3.55 -17.22 -13.46
CA TYR C 26 -4.20 -16.18 -12.63
C TYR C 26 -3.21 -15.58 -11.67
N GLY C 27 -3.46 -14.32 -11.31
CA GLY C 27 -2.76 -13.63 -10.22
C GLY C 27 -3.58 -12.51 -9.64
N ILE C 28 -3.06 -11.95 -8.55
CA ILE C 28 -3.69 -10.81 -7.83
C ILE C 28 -2.80 -9.58 -8.03
N ILE C 29 -3.36 -8.57 -8.69
CA ILE C 29 -2.70 -7.26 -8.93
C ILE C 29 -2.87 -6.47 -7.65
N VAL C 30 -1.74 -6.09 -7.04
CA VAL C 30 -1.66 -5.13 -5.91
C VAL C 30 -0.68 -4.04 -6.36
N GLY C 31 -1.18 -2.80 -6.53
CA GLY C 31 -0.44 -1.68 -7.15
C GLY C 31 0.16 -2.10 -8.47
N GLU C 32 1.49 -2.01 -8.60
CA GLU C 32 2.23 -2.30 -9.86
C GLU C 32 2.84 -3.70 -9.80
N SER C 33 2.43 -4.53 -8.83
CA SER C 33 2.91 -5.94 -8.71
C SER C 33 1.77 -6.96 -8.81
N VAL C 34 2.14 -8.18 -9.19
CA VAL C 34 1.19 -9.31 -9.35
C VAL C 34 1.74 -10.50 -8.58
N TYR C 35 0.95 -10.96 -7.60
CA TYR C 35 1.18 -12.23 -6.89
C TYR C 35 0.60 -13.37 -7.73
N GLN C 36 1.38 -14.43 -7.89
CA GLN C 36 0.97 -15.57 -8.73
C GLN C 36 1.81 -16.77 -8.35
N LEU C 37 1.41 -17.97 -8.78
CA LEU C 37 2.21 -19.20 -8.66
C LEU C 37 3.29 -19.17 -9.72
N ASP C 38 4.49 -19.64 -9.36
CA ASP C 38 5.66 -19.68 -10.27
C ASP C 38 5.55 -20.97 -11.08
N SER C 39 5.00 -20.89 -12.29
CA SER C 39 4.60 -22.08 -13.08
C SER C 39 4.42 -21.69 -14.56
N ASP C 40 4.89 -22.53 -15.47
CA ASP C 40 4.64 -22.37 -16.92
C ASP C 40 3.60 -23.40 -17.37
N ASP C 41 3.13 -24.24 -16.44
CA ASP C 41 2.30 -25.44 -16.72
C ASP C 41 1.44 -25.76 -15.50
N ILE C 42 0.18 -25.36 -15.55
CA ILE C 42 -0.71 -25.48 -14.37
C ILE C 42 -0.96 -26.96 -14.07
N PHE C 43 -0.92 -27.87 -15.05
CA PHE C 43 -1.12 -29.32 -14.83
C PHE C 43 0.08 -29.90 -14.10
N LYS C 44 1.29 -29.57 -14.53
CA LYS C 44 2.53 -30.05 -13.88
C LYS C 44 2.50 -29.61 -12.40
N THR C 45 2.09 -28.38 -12.14
CA THR C 45 2.00 -27.79 -10.79
C THR C 45 1.09 -28.67 -9.93
N ALA C 46 -0.16 -28.85 -10.34
CA ALA C 46 -1.18 -29.66 -9.63
C ALA C 46 -0.73 -31.10 -9.46
N LEU C 47 -0.09 -31.70 -10.48
CA LEU C 47 0.25 -33.14 -10.51
C LEU C 47 1.57 -33.42 -9.80
N THR C 48 2.43 -32.42 -9.58
CA THR C 48 3.72 -32.57 -8.82
C THR C 48 3.64 -31.97 -7.41
N GLY C 49 2.71 -31.05 -7.14
CA GLY C 49 2.57 -30.39 -5.82
C GLY C 49 3.61 -29.29 -5.60
N LYS C 50 4.22 -28.76 -6.67
CA LYS C 50 5.22 -27.66 -6.61
C LYS C 50 4.53 -26.34 -6.98
N ALA C 51 4.02 -25.64 -5.97
CA ALA C 51 3.21 -24.40 -6.10
C ALA C 51 3.81 -23.30 -5.22
N ARG C 52 4.84 -22.62 -5.73
CA ARG C 52 5.57 -21.54 -5.06
C ARG C 52 5.06 -20.19 -5.57
N PHE C 53 4.66 -19.31 -4.65
CA PHE C 53 4.22 -17.94 -4.98
C PHE C 53 5.42 -17.11 -5.39
N THR C 54 5.26 -16.27 -6.40
CA THR C 54 6.27 -15.27 -6.79
C THR C 54 5.53 -13.94 -7.00
N ARG C 55 6.29 -12.85 -7.09
CA ARG C 55 5.77 -11.51 -7.43
C ARG C 55 6.48 -11.06 -8.71
N THR C 56 5.73 -10.55 -9.68
CA THR C 56 6.28 -9.96 -10.91
C THR C 56 5.66 -8.58 -11.09
N LYS C 57 6.21 -7.77 -12.00
CA LYS C 57 5.77 -6.39 -12.27
C LYS C 57 4.57 -6.43 -13.21
N LEU C 58 3.54 -5.63 -12.92
CA LEU C 58 2.34 -5.48 -13.77
C LEU C 58 2.78 -5.04 -15.17
N THR C 59 2.25 -5.70 -16.20
CA THR C 59 2.39 -5.33 -17.63
C THR C 59 0.98 -5.20 -18.21
N PRO C 60 0.84 -4.60 -19.41
CA PRO C 60 -0.46 -4.47 -20.07
C PRO C 60 -1.04 -5.81 -20.58
N ASP C 61 -0.32 -6.91 -20.41
CA ASP C 61 -0.73 -8.26 -20.89
C ASP C 61 -1.68 -8.90 -19.90
N TRP C 62 -1.69 -8.46 -18.65
CA TRP C 62 -2.60 -9.02 -17.62
C TRP C 62 -4.02 -8.61 -17.97
N VAL C 63 -4.93 -9.57 -18.13
CA VAL C 63 -6.37 -9.29 -18.40
C VAL C 63 -7.10 -9.26 -17.06
N ILE C 64 -7.75 -8.14 -16.75
CA ILE C 64 -8.67 -8.00 -15.59
C ILE C 64 -9.81 -9.00 -15.78
N GLU C 65 -9.93 -9.98 -14.88
CA GLU C 65 -10.95 -11.07 -14.98
C GLU C 65 -12.31 -10.55 -14.50
N GLU C 66 -13.21 -10.19 -15.42
CA GLU C 66 -14.45 -9.49 -15.05
C GLU C 66 -15.58 -10.50 -14.91
N GLY C 67 -16.04 -11.06 -16.02
CA GLY C 67 -16.91 -12.24 -15.98
C GLY C 67 -16.22 -13.26 -15.11
N CYS C 68 -16.65 -13.38 -13.86
CA CYS C 68 -15.99 -14.23 -12.83
C CYS C 68 -16.74 -15.56 -12.79
N GLU C 69 -15.97 -16.65 -12.75
CA GLU C 69 -16.46 -18.04 -12.61
C GLU C 69 -16.36 -18.41 -11.13
N LEU C 70 -15.54 -17.69 -10.38
CA LEU C 70 -15.56 -17.71 -8.90
C LEU C 70 -16.90 -17.13 -8.44
N ASP C 71 -17.70 -17.95 -7.79
CA ASP C 71 -19.00 -17.55 -7.19
C ASP C 71 -19.04 -18.10 -5.77
N TYR C 72 -20.13 -17.86 -5.05
CA TYR C 72 -20.30 -18.26 -3.64
C TYR C 72 -19.92 -19.74 -3.44
N PHE C 73 -20.47 -20.61 -4.27
CA PHE C 73 -20.40 -22.08 -4.10
C PHE C 73 -18.97 -22.56 -4.31
N ARG C 74 -18.28 -22.03 -5.31
CA ARG C 74 -16.88 -22.42 -5.60
C ARG C 74 -15.95 -21.92 -4.51
N VAL C 75 -16.16 -20.69 -4.04
CA VAL C 75 -15.31 -20.05 -3.00
C VAL C 75 -15.53 -20.74 -1.65
N LYS C 76 -16.77 -21.13 -1.32
CA LYS C 76 -17.07 -21.87 -0.08
C LYS C 76 -16.45 -23.27 -0.13
N TYR C 77 -16.50 -23.92 -1.27
CA TYR C 77 -15.82 -25.22 -1.45
C TYR C 77 -14.33 -25.05 -1.17
N LEU C 78 -13.71 -24.05 -1.79
CA LEU C 78 -12.23 -23.86 -1.76
C LEU C 78 -11.80 -23.39 -0.37
N GLU C 79 -12.64 -22.62 0.31
CA GLU C 79 -12.37 -22.10 1.68
C GLU C 79 -12.21 -23.30 2.62
N SER C 80 -12.97 -24.36 2.39
CA SER C 80 -13.00 -25.55 3.29
C SER C 80 -12.15 -26.69 2.70
N SER C 81 -11.43 -26.45 1.62
CA SER C 81 -10.62 -27.49 0.93
C SER C 81 -9.25 -27.62 1.61
N VAL C 82 -8.80 -26.57 2.28
CA VAL C 82 -7.38 -26.38 2.68
C VAL C 82 -7.26 -26.60 4.20
N ASN C 83 -6.47 -27.59 4.60
CA ASN C 83 -6.16 -27.83 6.03
C ASN C 83 -4.75 -27.26 6.31
N SER C 84 -4.21 -27.54 7.49
CA SER C 84 -2.88 -27.06 7.93
C SER C 84 -1.75 -27.57 7.04
N GLU C 85 -1.96 -28.66 6.29
CA GLU C 85 -0.94 -29.22 5.35
C GLU C 85 -1.39 -29.00 3.90
N HIS C 86 -0.57 -28.32 3.10
CA HIS C 86 -0.90 -28.08 1.67
C HIS C 86 0.38 -27.91 0.87
N ILE C 87 0.24 -27.75 -0.44
CA ILE C 87 1.38 -27.77 -1.40
C ILE C 87 1.97 -26.38 -1.62
N PHE C 88 1.41 -25.32 -1.02
CA PHE C 88 1.72 -23.91 -1.36
C PHE C 88 2.85 -23.40 -0.46
N SER C 89 3.78 -22.66 -1.06
CA SER C 89 4.93 -22.02 -0.39
C SER C 89 5.16 -20.63 -1.01
N VAL C 90 6.12 -19.87 -0.51
CA VAL C 90 6.40 -18.46 -0.94
C VAL C 90 7.91 -18.29 -1.09
N ASP C 91 8.34 -17.64 -2.16
CA ASP C 91 9.77 -17.36 -2.45
C ASP C 91 10.19 -16.11 -1.68
N HIS C 92 11.41 -15.64 -1.95
CA HIS C 92 12.08 -14.47 -1.31
C HIS C 92 11.29 -13.17 -1.56
N ASN C 93 10.67 -13.03 -2.73
CA ASN C 93 10.10 -11.75 -3.23
C ASN C 93 8.69 -11.49 -2.68
N CYS C 94 8.14 -12.39 -1.84
CA CYS C 94 6.72 -12.34 -1.38
C CYS C 94 6.64 -12.21 0.14
N GLU C 95 7.49 -11.38 0.74
CA GLU C 95 7.55 -11.19 2.21
C GLU C 95 6.28 -10.49 2.72
N THR C 96 5.68 -9.60 1.93
CA THR C 96 4.52 -8.77 2.36
C THR C 96 3.22 -9.35 1.80
N ILE C 97 3.22 -10.59 1.28
CA ILE C 97 2.01 -11.13 0.60
C ILE C 97 0.83 -11.19 1.57
N ALA C 98 1.00 -11.70 2.80
CA ALA C 98 -0.13 -11.88 3.75
C ALA C 98 -0.70 -10.50 4.15
N LYS C 99 0.16 -9.52 4.37
CA LYS C 99 -0.29 -8.15 4.80
C LYS C 99 -0.97 -7.46 3.61
N ASP C 100 -0.39 -7.55 2.42
CA ASP C 100 -0.98 -6.98 1.18
C ASP C 100 -2.38 -7.54 0.93
N ILE C 101 -2.55 -8.86 1.00
CA ILE C 101 -3.81 -9.48 0.55
C ILE C 101 -4.81 -9.55 1.70
N PHE C 102 -4.34 -9.72 2.94
CA PHE C 102 -5.25 -9.99 4.09
C PHE C 102 -5.30 -8.80 5.05
N GLY C 103 -4.32 -7.91 5.00
CA GLY C 103 -4.18 -6.86 6.02
C GLY C 103 -3.77 -7.47 7.34
N THR C 104 -4.21 -6.91 8.47
CA THR C 104 -3.98 -7.49 9.82
C THR C 104 -5.13 -8.46 10.09
N HIS C 105 -4.78 -9.69 10.45
CA HIS C 105 -5.66 -10.88 10.32
C HIS C 105 -5.23 -11.87 11.39
N THR C 106 -6.08 -12.86 11.66
CA THR C 106 -5.82 -13.93 12.67
C THR C 106 -5.54 -15.24 11.91
N LEU C 107 -5.61 -15.23 10.57
CA LEU C 107 -5.00 -16.27 9.71
C LEU C 107 -3.48 -16.20 9.87
N ASN C 108 -2.83 -17.31 10.19
CA ASN C 108 -1.35 -17.38 10.15
C ASN C 108 -0.92 -17.38 8.67
N GLN C 109 0.35 -17.08 8.43
CA GLN C 109 0.99 -16.91 7.10
C GLN C 109 0.73 -18.14 6.20
N HIS C 110 0.89 -19.35 6.73
CA HIS C 110 0.77 -20.60 5.94
C HIS C 110 -0.68 -20.78 5.45
N GLN C 111 -1.65 -20.53 6.33
CA GLN C 111 -3.11 -20.56 6.06
C GLN C 111 -3.44 -19.54 4.95
N ALA C 112 -2.98 -18.30 5.12
CA ALA C 112 -3.15 -17.17 4.16
C ALA C 112 -2.74 -17.61 2.76
N ILE C 113 -1.53 -18.13 2.55
CA ILE C 113 -1.05 -18.51 1.19
C ILE C 113 -1.76 -19.77 0.72
N GLY C 114 -2.17 -20.65 1.63
CA GLY C 114 -3.01 -21.80 1.26
C GLY C 114 -4.29 -21.35 0.59
N LEU C 115 -4.96 -20.36 1.19
CA LEU C 115 -6.26 -19.89 0.68
C LEU C 115 -6.04 -19.18 -0.66
N VAL C 116 -5.05 -18.29 -0.75
CA VAL C 116 -4.77 -17.56 -2.02
C VAL C 116 -4.37 -18.58 -3.09
N GLY C 117 -3.51 -19.53 -2.73
CA GLY C 117 -2.93 -20.52 -3.67
C GLY C 117 -4.01 -21.38 -4.28
N THR C 118 -4.92 -21.86 -3.44
CA THR C 118 -6.09 -22.69 -3.80
C THR C 118 -6.97 -21.94 -4.81
N ILE C 119 -7.23 -20.67 -4.56
CA ILE C 119 -8.10 -19.86 -5.46
C ILE C 119 -7.42 -19.71 -6.82
N LEU C 120 -6.12 -19.41 -6.85
CA LEU C 120 -5.39 -19.20 -8.13
C LEU C 120 -5.20 -20.54 -8.87
N LEU C 121 -4.87 -21.61 -8.16
CA LEU C 121 -4.67 -22.94 -8.83
C LEU C 121 -5.99 -23.41 -9.43
N THR C 122 -7.09 -23.28 -8.70
CA THR C 122 -8.42 -23.76 -9.15
C THR C 122 -8.88 -22.95 -10.36
N ALA C 123 -8.70 -21.63 -10.34
CA ALA C 123 -9.19 -20.73 -11.41
C ALA C 123 -8.45 -21.09 -12.70
N GLY C 124 -7.17 -21.39 -12.62
CA GLY C 124 -6.35 -21.84 -13.75
C GLY C 124 -6.76 -23.21 -14.27
N LEU C 125 -7.00 -24.19 -13.38
CA LEU C 125 -7.29 -25.59 -13.78
C LEU C 125 -8.64 -25.67 -14.50
N MET C 126 -9.56 -24.76 -14.19
CA MET C 126 -10.94 -24.76 -14.72
C MET C 126 -11.07 -23.87 -15.97
N SER C 127 -9.99 -23.20 -16.39
CA SER C 127 -9.97 -22.31 -17.59
C SER C 127 -9.74 -23.13 -18.86
N THR C 128 -9.56 -24.44 -18.74
CA THR C 128 -9.10 -25.31 -19.85
C THR C 128 -10.29 -25.92 -20.58
N ILE C 129 -10.02 -26.38 -21.79
CA ILE C 129 -11.02 -26.97 -22.70
C ILE C 129 -11.42 -28.33 -22.16
N LYS C 130 -12.71 -28.60 -22.14
CA LYS C 130 -13.29 -29.87 -21.66
C LYS C 130 -13.07 -30.90 -22.74
N THR C 131 -12.70 -32.12 -22.35
CA THR C 131 -12.43 -33.24 -23.29
C THR C 131 -12.81 -34.53 -22.56
N PRO C 132 -13.26 -35.58 -23.28
CA PRO C 132 -13.63 -36.82 -22.60
C PRO C 132 -12.35 -37.37 -21.95
N VAL C 133 -12.51 -37.95 -20.77
CA VAL C 133 -11.42 -38.62 -20.00
C VAL C 133 -11.44 -40.10 -20.37
N ASN C 134 -10.46 -40.53 -21.14
CA ASN C 134 -10.32 -41.94 -21.60
C ASN C 134 -8.81 -42.23 -21.70
N ALA C 135 -8.45 -43.48 -22.03
CA ALA C 135 -7.04 -43.93 -22.10
C ALA C 135 -6.17 -42.89 -22.81
N THR C 136 -6.65 -42.36 -23.93
CA THR C 136 -5.90 -41.45 -24.84
C THR C 136 -5.68 -40.11 -24.13
N THR C 137 -6.75 -39.42 -23.71
CA THR C 137 -6.66 -38.05 -23.12
C THR C 137 -5.97 -38.11 -21.76
N ILE C 138 -6.08 -39.23 -21.05
CA ILE C 138 -5.36 -39.44 -19.77
C ILE C 138 -3.86 -39.47 -20.04
N LYS C 139 -3.44 -40.19 -21.10
CA LYS C 139 -2.01 -40.36 -21.43
C LYS C 139 -1.37 -39.00 -21.65
N GLU C 140 -1.96 -38.13 -22.46
CA GLU C 140 -1.33 -36.82 -22.79
C GLU C 140 -1.29 -35.96 -21.54
N PHE C 141 -2.33 -36.02 -20.70
CA PHE C 141 -2.39 -35.31 -19.39
C PHE C 141 -1.25 -35.81 -18.46
N PHE C 142 -0.98 -37.12 -18.47
CA PHE C 142 0.05 -37.77 -17.61
C PHE C 142 1.45 -37.21 -17.92
N ASN C 143 1.70 -36.80 -19.17
CA ASN C 143 2.99 -36.25 -19.64
C ASN C 143 3.38 -35.01 -18.82
N HIS C 144 2.41 -34.16 -18.46
CA HIS C 144 2.60 -32.96 -17.63
C HIS C 144 3.22 -33.34 -16.28
N ALA C 145 2.99 -34.57 -15.80
CA ALA C 145 3.44 -35.07 -14.48
C ALA C 145 4.88 -35.59 -14.54
N VAL C 146 5.42 -35.90 -15.72
CA VAL C 146 6.67 -36.70 -15.85
C VAL C 146 7.65 -36.09 -16.86
N GLU C 147 7.18 -35.37 -17.89
CA GLU C 147 8.05 -34.78 -18.94
C GLU C 147 8.77 -33.55 -18.39
N GLY C 148 10.10 -33.54 -18.52
CA GLY C 148 10.98 -32.45 -18.03
C GLY C 148 11.26 -31.44 -19.14
N MET D 12 -5.15 -58.98 -15.89
CA MET D 12 -4.46 -59.26 -14.59
C MET D 12 -4.60 -58.04 -13.67
N MET D 13 -4.06 -56.89 -14.08
CA MET D 13 -4.10 -55.60 -13.33
C MET D 13 -4.56 -54.50 -14.28
N GLN D 14 -5.69 -53.84 -14.00
CA GLN D 14 -6.35 -52.91 -14.94
C GLN D 14 -6.93 -51.69 -14.22
N LEU D 15 -6.84 -50.53 -14.86
CA LEU D 15 -7.46 -49.26 -14.40
C LEU D 15 -8.97 -49.36 -14.61
N ALA D 16 -9.73 -48.97 -13.59
CA ALA D 16 -11.22 -48.97 -13.60
C ALA D 16 -11.70 -47.73 -12.86
N TYR D 17 -12.99 -47.44 -12.93
CA TYR D 17 -13.56 -46.22 -12.32
C TYR D 17 -14.98 -46.48 -11.84
N LEU D 18 -15.39 -45.76 -10.80
CA LEU D 18 -16.79 -45.49 -10.46
C LEU D 18 -17.15 -44.16 -11.10
N ASP D 19 -18.05 -44.17 -12.08
CA ASP D 19 -18.52 -42.94 -12.76
C ASP D 19 -19.44 -42.20 -11.78
N ARG D 20 -19.10 -40.97 -11.41
CA ARG D 20 -20.01 -40.11 -10.60
C ARG D 20 -20.43 -38.91 -11.45
N GLY D 21 -20.32 -39.02 -12.78
CA GLY D 21 -20.84 -38.06 -13.77
C GLY D 21 -19.97 -36.83 -13.88
N PHE D 22 -19.95 -36.01 -12.83
CA PHE D 22 -19.15 -34.76 -12.75
C PHE D 22 -17.68 -35.11 -12.56
N TYR D 23 -17.41 -36.35 -12.15
CA TYR D 23 -16.05 -36.90 -12.07
C TYR D 23 -16.11 -38.43 -12.05
N LYS D 24 -14.94 -39.05 -12.01
CA LYS D 24 -14.73 -40.50 -11.91
C LYS D 24 -13.77 -40.75 -10.76
N HIS D 25 -14.12 -41.66 -9.85
CA HIS D 25 -13.24 -42.26 -8.83
C HIS D 25 -12.52 -43.45 -9.47
N TYR D 26 -11.19 -43.45 -9.46
CA TYR D 26 -10.35 -44.45 -10.18
C TYR D 26 -9.76 -45.45 -9.19
N GLY D 27 -9.58 -46.68 -9.66
CA GLY D 27 -8.95 -47.75 -8.85
C GLY D 27 -8.23 -48.72 -9.74
N ILE D 28 -7.43 -49.61 -9.15
CA ILE D 28 -6.78 -50.74 -9.87
C ILE D 28 -7.46 -52.01 -9.37
N ILE D 29 -8.12 -52.73 -10.28
CA ILE D 29 -8.81 -54.01 -9.98
C ILE D 29 -7.74 -55.12 -10.01
N VAL D 30 -7.65 -55.91 -8.92
CA VAL D 30 -6.80 -57.12 -8.78
C VAL D 30 -7.64 -58.21 -8.11
N GLY D 31 -7.89 -59.31 -8.84
CA GLY D 31 -8.82 -60.37 -8.42
C GLY D 31 -10.21 -59.80 -8.16
N GLU D 32 -10.75 -60.03 -6.96
CA GLU D 32 -12.09 -59.56 -6.52
C GLU D 32 -11.95 -58.29 -5.67
N SER D 33 -10.79 -57.62 -5.75
CA SER D 33 -10.46 -56.43 -4.93
C SER D 33 -10.17 -55.23 -5.84
N VAL D 34 -10.43 -54.01 -5.35
CA VAL D 34 -10.09 -52.74 -6.06
C VAL D 34 -9.20 -51.90 -5.14
N TYR D 35 -8.02 -51.53 -5.63
CA TYR D 35 -7.07 -50.60 -4.95
C TYR D 35 -7.31 -49.18 -5.47
N GLN D 36 -7.59 -48.26 -4.56
CA GLN D 36 -7.93 -46.83 -4.83
C GLN D 36 -7.39 -45.97 -3.69
N LEU D 37 -7.23 -44.67 -3.92
CA LEU D 37 -6.92 -43.67 -2.86
C LEU D 37 -8.13 -43.51 -1.95
N ASP D 38 -7.88 -43.43 -0.63
CA ASP D 38 -8.91 -43.28 0.41
C ASP D 38 -9.31 -41.81 0.51
N SER D 39 -10.25 -41.38 -0.32
CA SER D 39 -10.70 -39.98 -0.42
C SER D 39 -11.82 -39.92 -1.45
N ASP D 40 -12.94 -39.29 -1.12
CA ASP D 40 -14.02 -39.04 -2.11
C ASP D 40 -13.78 -37.69 -2.79
N ASP D 41 -12.67 -36.97 -2.50
CA ASP D 41 -12.37 -35.66 -3.13
C ASP D 41 -10.89 -35.58 -3.50
N ILE D 42 -10.58 -36.01 -4.73
CA ILE D 42 -9.19 -36.13 -5.24
C ILE D 42 -8.63 -34.72 -5.37
N PHE D 43 -9.50 -33.73 -5.53
CA PHE D 43 -9.05 -32.32 -5.74
C PHE D 43 -8.47 -31.83 -4.42
N LYS D 44 -9.20 -31.96 -3.31
CA LYS D 44 -8.70 -31.67 -1.94
C LYS D 44 -7.43 -32.46 -1.67
N THR D 45 -7.41 -33.75 -2.01
CA THR D 45 -6.23 -34.62 -1.79
C THR D 45 -5.01 -33.97 -2.45
N ALA D 46 -5.16 -33.55 -3.71
CA ALA D 46 -4.11 -32.91 -4.53
C ALA D 46 -3.58 -31.62 -3.87
N LEU D 47 -4.48 -30.83 -3.25
CA LEU D 47 -4.13 -29.59 -2.51
C LEU D 47 -3.34 -29.91 -1.23
N THR D 48 -3.58 -31.03 -0.55
CA THR D 48 -2.85 -31.40 0.69
C THR D 48 -1.43 -31.88 0.34
N GLY D 49 -1.27 -32.61 -0.76
CA GLY D 49 0.03 -33.17 -1.19
C GLY D 49 0.22 -34.59 -0.68
N LYS D 50 -0.83 -35.19 -0.11
CA LYS D 50 -0.79 -36.48 0.64
C LYS D 50 -1.98 -37.32 0.20
N ALA D 51 -1.78 -38.63 0.03
CA ALA D 51 -2.84 -39.60 -0.29
C ALA D 51 -2.51 -40.96 0.33
N ARG D 52 -3.51 -41.61 0.93
CA ARG D 52 -3.39 -42.98 1.47
C ARG D 52 -4.16 -43.94 0.56
N PHE D 53 -3.56 -45.11 0.29
CA PHE D 53 -4.21 -46.23 -0.44
C PHE D 53 -5.12 -47.00 0.51
N THR D 54 -6.27 -47.43 -0.02
CA THR D 54 -7.21 -48.36 0.63
C THR D 54 -7.66 -49.39 -0.41
N ARG D 55 -8.30 -50.46 0.04
CA ARG D 55 -8.76 -51.59 -0.79
C ARG D 55 -10.21 -51.91 -0.42
N THR D 56 -11.11 -52.01 -1.41
CA THR D 56 -12.53 -52.39 -1.22
C THR D 56 -12.88 -53.56 -2.15
N LYS D 57 -13.98 -54.24 -1.85
CA LYS D 57 -14.47 -55.41 -2.61
C LYS D 57 -14.96 -54.92 -3.98
N LEU D 58 -14.59 -55.62 -5.05
CA LEU D 58 -15.01 -55.31 -6.45
C LEU D 58 -16.51 -55.54 -6.57
N THR D 59 -17.23 -54.64 -7.27
CA THR D 59 -18.67 -54.77 -7.61
C THR D 59 -18.86 -54.48 -9.10
N PRO D 60 -20.04 -54.79 -9.69
CA PRO D 60 -20.30 -54.49 -11.10
C PRO D 60 -20.43 -52.99 -11.42
N ASP D 61 -20.43 -52.12 -10.40
CA ASP D 61 -20.45 -50.64 -10.57
C ASP D 61 -19.11 -50.19 -11.18
N TRP D 62 -18.02 -50.92 -10.93
CA TRP D 62 -16.66 -50.58 -11.42
C TRP D 62 -16.59 -50.88 -12.92
N VAL D 63 -16.14 -49.93 -13.74
CA VAL D 63 -16.00 -50.09 -15.22
C VAL D 63 -14.52 -50.01 -15.57
N ILE D 64 -14.06 -50.88 -16.46
CA ILE D 64 -12.66 -50.91 -16.96
C ILE D 64 -12.45 -49.70 -17.87
N GLU D 65 -11.37 -48.94 -17.64
CA GLU D 65 -10.90 -47.89 -18.57
C GLU D 65 -10.23 -48.62 -19.75
N GLU D 66 -10.90 -48.63 -20.90
CA GLU D 66 -10.56 -49.46 -22.09
C GLU D 66 -9.29 -48.94 -22.77
N GLY D 67 -8.54 -49.85 -23.42
CA GLY D 67 -7.33 -49.54 -24.21
C GLY D 67 -6.22 -48.98 -23.34
N CYS D 68 -6.30 -49.15 -22.02
CA CYS D 68 -5.35 -48.57 -21.04
C CYS D 68 -4.40 -49.65 -20.52
N GLU D 69 -3.10 -49.49 -20.75
CA GLU D 69 -2.03 -50.44 -20.32
C GLU D 69 -1.15 -49.75 -19.26
N LEU D 70 -1.13 -50.29 -18.05
CA LEU D 70 -0.32 -49.79 -16.90
C LEU D 70 1.16 -49.69 -17.31
N ASP D 71 1.63 -50.64 -18.13
CA ASP D 71 3.02 -50.72 -18.66
C ASP D 71 3.44 -49.37 -19.27
N TYR D 72 2.57 -48.74 -20.07
CA TYR D 72 2.83 -47.42 -20.70
C TYR D 72 3.32 -46.46 -19.62
N PHE D 73 2.61 -46.39 -18.49
CA PHE D 73 2.82 -45.42 -17.39
C PHE D 73 4.09 -45.77 -16.60
N ARG D 74 4.33 -47.05 -16.34
CA ARG D 74 5.50 -47.56 -15.58
C ARG D 74 6.80 -47.10 -16.28
N VAL D 75 6.87 -47.32 -17.60
CA VAL D 75 8.02 -46.94 -18.47
C VAL D 75 8.30 -45.44 -18.30
N LYS D 76 7.32 -44.60 -18.62
CA LYS D 76 7.45 -43.11 -18.61
C LYS D 76 7.91 -42.64 -17.22
N TYR D 77 7.31 -43.20 -16.16
CA TYR D 77 7.52 -42.77 -14.74
C TYR D 77 8.95 -43.05 -14.30
N LEU D 78 9.50 -44.22 -14.67
CA LEU D 78 10.86 -44.67 -14.26
C LEU D 78 11.94 -43.90 -15.06
N GLU D 79 11.60 -43.39 -16.24
CA GLU D 79 12.47 -42.50 -17.07
C GLU D 79 12.53 -41.08 -16.47
N SER D 80 11.37 -40.54 -16.10
CA SER D 80 11.13 -39.13 -15.65
C SER D 80 12.26 -38.64 -14.75
N SER D 81 12.82 -37.46 -15.05
CA SER D 81 13.80 -36.71 -14.21
C SER D 81 13.06 -35.80 -13.23
N VAL D 82 11.80 -35.45 -13.52
CA VAL D 82 10.88 -34.68 -12.62
C VAL D 82 10.65 -35.51 -11.34
N ASN D 83 10.71 -34.88 -10.17
CA ASN D 83 10.34 -35.50 -8.87
C ASN D 83 9.07 -34.81 -8.36
N SER D 84 7.99 -35.60 -8.22
CA SER D 84 6.74 -35.22 -7.53
C SER D 84 7.03 -34.87 -6.07
N GLU D 85 6.20 -34.04 -5.45
CA GLU D 85 6.25 -33.76 -3.99
C GLU D 85 5.01 -34.36 -3.32
N HIS D 86 4.18 -35.09 -4.07
CA HIS D 86 3.02 -35.85 -3.52
C HIS D 86 3.56 -37.05 -2.74
N ILE D 87 3.05 -37.27 -1.54
CA ILE D 87 3.44 -38.39 -0.64
C ILE D 87 2.30 -39.41 -0.63
N PHE D 88 2.57 -40.63 -1.06
CA PHE D 88 1.60 -41.75 -1.11
C PHE D 88 1.96 -42.76 -0.02
N SER D 89 0.99 -43.12 0.83
CA SER D 89 1.14 -44.09 1.93
C SER D 89 0.03 -45.16 1.84
N VAL D 90 0.11 -46.22 2.65
CA VAL D 90 -0.83 -47.38 2.67
C VAL D 90 -1.34 -47.62 4.09
N ASP D 91 -2.64 -47.84 4.25
CA ASP D 91 -3.24 -48.41 5.49
C ASP D 91 -2.86 -49.90 5.56
N HIS D 92 -3.16 -50.56 6.69
CA HIS D 92 -2.70 -51.95 7.03
C HIS D 92 -3.09 -52.96 5.93
N ASN D 93 -4.22 -52.75 5.25
CA ASN D 93 -4.80 -53.72 4.27
C ASN D 93 -3.92 -53.79 3.02
N CYS D 94 -3.48 -52.65 2.53
CA CYS D 94 -2.71 -52.50 1.26
C CYS D 94 -1.23 -52.74 1.52
N GLU D 95 -0.92 -53.58 2.52
CA GLU D 95 0.46 -53.94 2.92
C GLU D 95 1.18 -54.65 1.76
N THR D 96 0.44 -55.49 1.01
CA THR D 96 0.99 -56.32 -0.11
C THR D 96 0.68 -55.64 -1.46
N ILE D 97 0.36 -54.35 -1.46
CA ILE D 97 -0.19 -53.64 -2.66
C ILE D 97 0.78 -53.76 -3.84
N ALA D 98 2.10 -53.67 -3.60
CA ALA D 98 3.12 -53.65 -4.67
C ALA D 98 3.10 -54.99 -5.42
N LYS D 99 3.33 -56.09 -4.69
CA LYS D 99 3.38 -57.47 -5.25
C LYS D 99 2.02 -57.85 -5.87
N ASP D 100 0.92 -57.64 -5.15
CA ASP D 100 -0.43 -58.04 -5.62
C ASP D 100 -0.81 -57.25 -6.90
N ILE D 101 -0.10 -56.16 -7.20
CA ILE D 101 -0.32 -55.32 -8.42
C ILE D 101 0.84 -55.47 -9.41
N PHE D 102 2.08 -55.67 -8.95
CA PHE D 102 3.30 -55.64 -9.81
C PHE D 102 4.09 -56.96 -9.74
N GLY D 103 3.64 -57.94 -8.96
CA GLY D 103 4.44 -59.15 -8.65
C GLY D 103 5.73 -58.78 -7.95
N THR D 104 6.88 -59.00 -8.59
CA THR D 104 8.20 -58.53 -8.11
C THR D 104 9.04 -57.96 -9.27
N HIS D 105 8.38 -57.41 -10.29
CA HIS D 105 9.05 -56.75 -11.45
C HIS D 105 10.07 -55.75 -10.92
N THR D 106 11.10 -55.44 -11.70
CA THR D 106 12.24 -54.57 -11.32
C THR D 106 11.73 -53.14 -11.06
N LEU D 107 11.17 -52.92 -9.86
CA LEU D 107 10.90 -51.59 -9.24
C LEU D 107 10.53 -51.82 -7.77
N ASN D 108 11.07 -50.99 -6.86
CA ASN D 108 10.88 -51.14 -5.40
C ASN D 108 9.47 -50.72 -5.00
N GLN D 109 9.11 -50.94 -3.73
CA GLN D 109 7.77 -50.65 -3.16
C GLN D 109 7.46 -49.15 -3.30
N HIS D 110 8.37 -48.29 -2.82
CA HIS D 110 8.25 -46.80 -2.88
C HIS D 110 7.90 -46.35 -4.30
N GLN D 111 8.58 -46.91 -5.31
CA GLN D 111 8.38 -46.59 -6.74
C GLN D 111 7.03 -47.12 -7.21
N ALA D 112 6.65 -48.33 -6.75
CA ALA D 112 5.38 -48.99 -7.10
C ALA D 112 4.21 -48.15 -6.58
N ILE D 113 4.32 -47.66 -5.34
CA ILE D 113 3.26 -46.89 -4.63
C ILE D 113 3.14 -45.51 -5.28
N GLY D 114 4.29 -44.84 -5.50
CA GLY D 114 4.37 -43.55 -6.21
C GLY D 114 3.74 -43.61 -7.59
N LEU D 115 4.10 -44.63 -8.39
CA LEU D 115 3.63 -44.81 -9.79
C LEU D 115 2.10 -44.94 -9.80
N VAL D 116 1.54 -45.79 -8.93
CA VAL D 116 0.08 -46.09 -8.91
C VAL D 116 -0.64 -44.87 -8.34
N GLY D 117 -0.08 -44.28 -7.27
CA GLY D 117 -0.56 -43.01 -6.71
C GLY D 117 -0.68 -41.95 -7.80
N THR D 118 0.35 -41.81 -8.63
CA THR D 118 0.43 -40.77 -9.69
C THR D 118 -0.59 -41.09 -10.78
N ILE D 119 -0.72 -42.36 -11.17
CA ILE D 119 -1.74 -42.79 -12.18
C ILE D 119 -3.13 -42.38 -11.66
N LEU D 120 -3.47 -42.74 -10.42
CA LEU D 120 -4.85 -42.58 -9.89
C LEU D 120 -5.12 -41.08 -9.69
N LEU D 121 -4.16 -40.36 -9.11
CA LEU D 121 -4.27 -38.90 -8.90
C LEU D 121 -4.46 -38.18 -10.24
N THR D 122 -3.69 -38.59 -11.25
CA THR D 122 -3.67 -37.97 -12.61
C THR D 122 -5.05 -38.10 -13.25
N ALA D 123 -5.58 -39.33 -13.35
CA ALA D 123 -6.88 -39.63 -13.97
C ALA D 123 -8.00 -39.02 -13.12
N GLY D 124 -7.91 -39.16 -11.80
CA GLY D 124 -8.94 -38.62 -10.88
C GLY D 124 -9.08 -37.13 -11.04
N LEU D 125 -7.97 -36.41 -10.84
CA LEU D 125 -7.91 -34.93 -10.87
C LEU D 125 -8.36 -34.42 -12.25
N MET D 126 -7.88 -35.03 -13.33
CA MET D 126 -8.28 -34.68 -14.71
C MET D 126 -9.81 -34.71 -14.84
N SER D 127 -10.48 -35.69 -14.23
CA SER D 127 -11.95 -35.88 -14.38
C SER D 127 -12.67 -34.73 -13.67
N THR D 128 -12.08 -34.14 -12.62
CA THR D 128 -12.71 -33.01 -11.88
C THR D 128 -12.68 -31.75 -12.74
N ILE D 129 -11.73 -31.62 -13.68
CA ILE D 129 -11.52 -30.32 -14.38
C ILE D 129 -11.79 -30.41 -15.88
N LYS D 130 -11.82 -31.60 -16.48
CA LYS D 130 -11.93 -31.78 -17.96
C LYS D 130 -13.29 -32.37 -18.37
N THR D 131 -14.02 -33.03 -17.48
CA THR D 131 -15.25 -33.80 -17.86
C THR D 131 -16.24 -32.87 -18.52
N PRO D 132 -16.66 -33.16 -19.77
CA PRO D 132 -17.76 -32.43 -20.40
C PRO D 132 -19.06 -32.78 -19.66
N VAL D 133 -19.83 -31.76 -19.34
CA VAL D 133 -21.10 -31.89 -18.56
C VAL D 133 -22.26 -31.57 -19.50
N ASN D 134 -23.36 -32.34 -19.41
CA ASN D 134 -24.59 -32.14 -20.21
C ASN D 134 -25.79 -32.49 -19.31
N ALA D 135 -26.96 -32.69 -19.88
CA ALA D 135 -28.24 -32.87 -19.17
C ALA D 135 -28.30 -34.22 -18.46
N THR D 136 -27.51 -35.20 -18.88
CA THR D 136 -27.51 -36.59 -18.33
C THR D 136 -26.39 -36.79 -17.30
N THR D 137 -25.49 -35.84 -17.14
CA THR D 137 -24.35 -35.96 -16.18
C THR D 137 -24.85 -36.37 -14.78
N ILE D 138 -26.04 -35.90 -14.37
CA ILE D 138 -26.62 -36.18 -13.01
C ILE D 138 -26.91 -37.67 -12.82
N LYS D 139 -27.10 -38.45 -13.90
CA LYS D 139 -27.53 -39.86 -13.78
C LYS D 139 -26.54 -40.62 -12.90
N GLU D 140 -25.27 -40.67 -13.31
CA GLU D 140 -24.21 -41.44 -12.62
C GLU D 140 -23.78 -40.76 -11.32
N PHE D 141 -24.00 -39.45 -11.18
CA PHE D 141 -23.72 -38.76 -9.90
C PHE D 141 -24.66 -39.32 -8.82
N PHE D 142 -25.95 -39.45 -9.13
CA PHE D 142 -26.97 -40.00 -8.20
C PHE D 142 -26.80 -41.52 -8.08
N ASN D 143 -26.36 -42.20 -9.14
CA ASN D 143 -26.28 -43.68 -9.24
C ASN D 143 -25.15 -44.20 -8.33
N HIS D 144 -24.00 -43.52 -8.28
CA HIS D 144 -22.83 -43.92 -7.46
C HIS D 144 -22.56 -42.82 -6.44
N ALA D 145 -23.52 -42.57 -5.55
CA ALA D 145 -23.46 -41.52 -4.52
C ALA D 145 -22.48 -41.94 -3.42
N VAL D 146 -21.71 -41.00 -2.89
CA VAL D 146 -20.70 -41.24 -1.81
C VAL D 146 -21.43 -41.59 -0.50
N GLU D 147 -20.71 -42.18 0.46
CA GLU D 147 -21.24 -42.60 1.79
C GLU D 147 -21.67 -41.36 2.61
N GLY D 148 -22.66 -41.52 3.48
CA GLY D 148 -23.16 -40.46 4.39
C GLY D 148 -22.12 -40.11 5.45
N MET E 1 6.95 -17.31 -17.63
CA MET E 1 6.94 -16.47 -16.39
C MET E 1 7.75 -15.21 -16.65
N SER E 2 7.24 -14.05 -16.22
CA SER E 2 8.01 -12.80 -16.16
C SER E 2 9.03 -12.92 -15.01
N SER E 3 10.05 -12.07 -15.00
CA SER E 3 11.13 -12.00 -13.98
C SER E 3 10.58 -11.64 -12.61
N PRO E 4 11.17 -12.17 -11.53
CA PRO E 4 10.79 -11.74 -10.18
C PRO E 4 10.95 -10.22 -10.03
N TYR E 5 10.11 -9.62 -9.18
CA TYR E 5 10.05 -8.16 -8.95
C TYR E 5 9.78 -7.89 -7.47
N VAL E 6 10.51 -6.94 -6.91
CA VAL E 6 10.31 -6.43 -5.52
C VAL E 6 10.26 -4.90 -5.62
N PRO E 7 9.07 -4.29 -5.44
CA PRO E 7 8.94 -2.84 -5.56
C PRO E 7 9.65 -2.15 -4.40
N THR E 8 10.16 -0.95 -4.68
CA THR E 8 11.00 -0.12 -3.77
C THR E 8 10.26 1.15 -3.39
N ASP E 9 9.22 1.52 -4.14
CA ASP E 9 8.53 2.82 -4.05
C ASP E 9 7.83 2.97 -2.69
N ASN E 10 7.82 4.20 -2.18
CA ASN E 10 6.95 4.57 -1.03
C ASN E 10 5.49 4.57 -1.48
N ARG E 11 4.58 4.84 -0.55
CA ARG E 11 3.13 4.98 -0.81
C ARG E 11 2.82 6.41 -1.26
N MET E 12 1.68 6.61 -1.93
CA MET E 12 1.12 7.95 -2.22
C MET E 12 0.79 8.63 -0.89
N MET E 13 1.02 9.93 -0.84
CA MET E 13 0.93 10.70 0.42
C MET E 13 0.58 12.15 0.10
N GLN E 14 0.07 12.84 1.11
CA GLN E 14 -0.19 14.29 1.05
C GLN E 14 0.28 14.93 2.35
N LEU E 15 1.01 16.05 2.24
CA LEU E 15 1.22 17.01 3.33
C LEU E 15 -0.13 17.65 3.68
N ALA E 16 -0.52 17.61 4.96
CA ALA E 16 -1.75 18.23 5.47
C ALA E 16 -1.47 18.87 6.83
N TYR E 17 -2.40 19.66 7.36
CA TYR E 17 -2.28 20.31 8.69
C TYR E 17 -3.64 20.34 9.39
N LEU E 18 -3.64 20.35 10.72
CA LEU E 18 -4.82 20.74 11.54
C LEU E 18 -4.59 22.15 12.06
N ASP E 19 -5.61 22.99 11.94
CA ASP E 19 -5.67 24.31 12.61
C ASP E 19 -5.56 24.09 14.13
N ARG E 20 -4.45 24.55 14.75
CA ARG E 20 -4.26 24.57 16.23
C ARG E 20 -4.29 26.02 16.75
N GLY E 21 -4.92 26.95 16.02
CA GLY E 21 -5.06 28.34 16.47
C GLY E 21 -3.82 29.15 16.19
N PHE E 22 -2.79 29.06 17.02
CA PHE E 22 -1.55 29.87 16.86
C PHE E 22 -0.57 29.18 15.90
N TYR E 23 -0.84 27.95 15.46
CA TYR E 23 0.08 27.25 14.54
C TYR E 23 -0.67 26.15 13.77
N LYS E 24 -0.06 25.71 12.68
CA LYS E 24 -0.48 24.56 11.85
C LYS E 24 0.27 23.30 12.30
N HIS E 25 -0.47 22.25 12.65
CA HIS E 25 0.04 20.93 13.09
C HIS E 25 0.10 19.99 11.87
N TYR E 26 1.30 19.68 11.38
CA TYR E 26 1.47 19.02 10.07
C TYR E 26 1.50 17.51 10.26
N GLY E 27 1.12 16.80 9.20
CA GLY E 27 1.08 15.34 9.12
C GLY E 27 1.20 14.90 7.69
N ILE E 28 1.46 13.61 7.47
CA ILE E 28 1.48 13.00 6.12
C ILE E 28 0.31 12.02 6.05
N ILE E 29 -0.68 12.32 5.21
CA ILE E 29 -1.84 11.43 4.95
C ILE E 29 -1.34 10.30 4.05
N VAL E 30 -1.44 9.08 4.55
CA VAL E 30 -1.14 7.81 3.81
C VAL E 30 -2.39 6.94 3.99
N GLY E 31 -3.13 6.71 2.91
CA GLY E 31 -4.43 5.99 2.95
C GLY E 31 -5.41 6.73 3.81
N GLU E 32 -5.95 6.08 4.84
CA GLU E 32 -6.92 6.69 5.79
C GLU E 32 -6.22 7.01 7.12
N SER E 33 -4.89 7.02 7.13
CA SER E 33 -4.13 7.31 8.37
C SER E 33 -3.29 8.57 8.18
N VAL E 34 -2.94 9.22 9.28
CA VAL E 34 -2.09 10.43 9.26
C VAL E 34 -0.92 10.21 10.20
N TYR E 35 0.30 10.26 9.67
CA TYR E 35 1.55 10.28 10.47
C TYR E 35 1.85 11.72 10.85
N GLN E 36 2.15 11.92 12.13
CA GLN E 36 2.36 13.27 12.71
C GLN E 36 3.11 13.13 14.03
N LEU E 37 3.64 14.23 14.54
CA LEU E 37 4.24 14.34 15.88
C LEU E 37 3.11 14.38 16.92
N ASP E 38 3.30 13.68 18.04
CA ASP E 38 2.36 13.57 19.18
C ASP E 38 2.57 14.80 20.06
N SER E 39 1.79 15.86 19.84
CA SER E 39 2.04 17.20 20.44
C SER E 39 0.80 18.10 20.30
N ASP E 40 0.35 18.69 21.42
CA ASP E 40 -0.68 19.75 21.43
C ASP E 40 -0.02 21.13 21.51
N ASP E 41 1.31 21.21 21.40
CA ASP E 41 2.08 22.49 21.51
C ASP E 41 3.46 22.34 20.83
N ILE E 42 3.59 22.82 19.60
CA ILE E 42 4.81 22.67 18.77
C ILE E 42 6.01 23.34 19.46
N PHE E 43 5.77 24.42 20.22
CA PHE E 43 6.85 25.21 20.86
C PHE E 43 7.48 24.38 21.97
N LYS E 44 6.64 23.80 22.84
CA LYS E 44 7.06 22.87 23.91
C LYS E 44 7.86 21.73 23.29
N THR E 45 7.30 21.08 22.26
CA THR E 45 7.95 19.95 21.54
C THR E 45 9.41 20.30 21.20
N ALA E 46 9.66 21.45 20.58
CA ALA E 46 11.00 21.85 20.07
C ALA E 46 11.91 22.26 21.24
N LEU E 47 11.37 22.91 22.26
CA LEU E 47 12.16 23.43 23.41
C LEU E 47 12.43 22.32 24.43
N THR E 48 11.70 21.21 24.41
CA THR E 48 11.92 20.05 25.31
C THR E 48 12.64 18.91 24.59
N GLY E 49 12.56 18.84 23.25
CA GLY E 49 13.08 17.70 22.45
C GLY E 49 12.25 16.44 22.58
N LYS E 50 10.96 16.56 22.91
CA LYS E 50 10.02 15.40 23.06
C LYS E 50 9.15 15.29 21.81
N ALA E 51 9.71 14.69 20.76
CA ALA E 51 9.15 14.65 19.39
C ALA E 51 8.99 13.19 18.97
N ARG E 52 7.86 12.60 19.36
CA ARG E 52 7.49 11.19 19.11
C ARG E 52 6.40 11.14 18.04
N PHE E 53 6.64 10.36 16.98
CA PHE E 53 5.65 10.09 15.91
C PHE E 53 4.50 9.29 16.48
N THR E 54 3.29 9.55 15.99
CA THR E 54 2.08 8.72 16.20
C THR E 54 1.30 8.67 14.87
N ARG E 55 0.17 7.97 14.89
CA ARG E 55 -0.68 7.74 13.71
C ARG E 55 -2.14 7.82 14.17
N THR E 56 -2.91 8.72 13.58
CA THR E 56 -4.36 8.90 13.83
C THR E 56 -5.11 8.53 12.55
N LYS E 57 -6.44 8.48 12.65
CA LYS E 57 -7.34 8.19 11.51
C LYS E 57 -7.63 9.52 10.80
N LEU E 58 -7.53 9.53 9.47
CA LEU E 58 -7.89 10.70 8.63
C LEU E 58 -9.28 11.19 9.02
N THR E 59 -9.46 12.50 9.14
CA THR E 59 -10.78 13.16 9.36
C THR E 59 -10.93 14.28 8.35
N PRO E 60 -12.15 14.84 8.19
CA PRO E 60 -12.36 15.95 7.26
C PRO E 60 -11.72 17.26 7.71
N ASP E 61 -11.18 17.34 8.95
CA ASP E 61 -10.55 18.58 9.49
C ASP E 61 -9.14 18.77 8.94
N TRP E 62 -8.48 17.71 8.46
CA TRP E 62 -7.13 17.84 7.88
C TRP E 62 -7.23 18.64 6.59
N VAL E 63 -6.42 19.68 6.46
CA VAL E 63 -6.35 20.54 5.26
C VAL E 63 -5.16 20.04 4.43
N ILE E 64 -5.42 19.65 3.19
CA ILE E 64 -4.34 19.30 2.21
C ILE E 64 -3.54 20.58 1.99
N GLU E 65 -2.26 20.61 2.37
CA GLU E 65 -1.41 21.82 2.23
C GLU E 65 -1.04 21.98 0.75
N GLU E 66 -2.01 22.43 -0.04
CA GLU E 66 -1.78 23.01 -1.38
C GLU E 66 -1.13 24.37 -1.10
N GLY E 67 -0.36 24.91 -2.02
CA GLY E 67 0.46 26.08 -1.68
C GLY E 67 1.32 25.74 -0.48
N CYS E 68 1.94 24.57 -0.56
CA CYS E 68 3.07 24.13 0.28
C CYS E 68 4.19 25.16 0.11
N GLU E 69 4.71 25.72 1.20
CA GLU E 69 5.73 26.81 1.17
C GLU E 69 7.11 26.27 1.59
N LEU E 70 7.24 24.96 1.79
CA LEU E 70 8.51 24.23 1.65
C LEU E 70 8.94 24.36 0.19
N ASP E 71 10.17 24.79 -0.06
CA ASP E 71 10.77 24.86 -1.42
C ASP E 71 12.14 24.19 -1.40
N TYR E 72 12.78 24.12 -2.56
CA TYR E 72 14.12 23.49 -2.74
C TYR E 72 15.08 23.95 -1.63
N PHE E 73 15.11 25.25 -1.35
CA PHE E 73 16.14 25.86 -0.47
C PHE E 73 15.89 25.39 0.95
N ARG E 74 14.66 25.54 1.45
CA ARG E 74 14.31 25.12 2.82
C ARG E 74 14.58 23.63 2.97
N VAL E 75 14.15 22.84 1.99
CA VAL E 75 14.18 21.35 2.08
C VAL E 75 15.63 20.85 2.08
N LYS E 76 16.52 21.50 1.33
CA LYS E 76 17.96 21.12 1.26
C LYS E 76 18.67 21.50 2.56
N TYR E 77 18.30 22.62 3.17
CA TYR E 77 18.85 23.00 4.49
C TYR E 77 18.46 21.95 5.53
N LEU E 78 17.20 21.54 5.52
CA LEU E 78 16.68 20.56 6.51
C LEU E 78 17.31 19.19 6.26
N GLU E 79 17.47 18.82 4.98
CA GLU E 79 18.12 17.56 4.57
C GLU E 79 19.48 17.45 5.27
N SER E 80 20.26 18.53 5.18
CA SER E 80 21.67 18.61 5.60
C SER E 80 21.77 18.90 7.11
N SER E 81 20.67 19.29 7.74
CA SER E 81 20.65 19.74 9.16
C SER E 81 20.62 18.52 10.09
N VAL E 82 20.10 17.41 9.58
CA VAL E 82 19.77 16.21 10.41
C VAL E 82 20.62 15.05 9.89
N ASN E 83 21.20 14.28 10.83
CA ASN E 83 22.08 13.12 10.54
C ASN E 83 21.54 11.91 11.29
N SER E 84 22.15 11.56 12.43
CA SER E 84 21.83 10.35 13.25
C SER E 84 21.50 10.73 14.70
N GLU E 85 22.02 11.86 15.21
CA GLU E 85 21.69 12.39 16.56
C GLU E 85 20.60 13.45 16.41
N HIS E 86 19.37 13.13 16.82
CA HIS E 86 18.17 14.01 16.72
C HIS E 86 17.17 13.64 17.81
N ILE E 87 16.12 14.44 17.94
CA ILE E 87 15.15 14.38 19.08
C ILE E 87 13.95 13.49 18.72
N PHE E 88 13.93 12.89 17.54
CA PHE E 88 12.74 12.20 16.98
C PHE E 88 12.77 10.71 17.34
N SER E 89 11.60 10.18 17.69
CA SER E 89 11.35 8.74 17.96
C SER E 89 9.97 8.36 17.41
N VAL E 90 9.59 7.09 17.53
CA VAL E 90 8.31 6.53 17.01
C VAL E 90 7.61 5.80 18.16
N ASP E 91 6.29 5.89 18.25
CA ASP E 91 5.46 5.16 19.26
C ASP E 91 5.12 3.77 18.68
N HIS E 92 4.36 2.97 19.43
CA HIS E 92 3.97 1.56 19.09
C HIS E 92 3.14 1.49 17.80
N ASN E 93 2.42 2.56 17.46
CA ASN E 93 1.39 2.60 16.39
C ASN E 93 2.03 2.95 15.04
N CYS E 94 3.36 3.01 14.94
CA CYS E 94 4.12 3.46 13.73
C CYS E 94 5.15 2.41 13.31
N GLU E 95 4.82 1.12 13.42
CA GLU E 95 5.77 0.02 13.08
C GLU E 95 6.27 0.17 11.64
N THR E 96 5.42 0.63 10.71
CA THR E 96 5.69 0.61 9.25
C THR E 96 5.95 2.03 8.74
N ILE E 97 6.18 3.01 9.59
CA ILE E 97 6.24 4.43 9.14
C ILE E 97 7.33 4.55 8.05
N ALA E 98 8.51 3.94 8.25
CA ALA E 98 9.67 4.05 7.34
C ALA E 98 9.32 3.52 5.94
N LYS E 99 8.73 2.33 5.89
CA LYS E 99 8.34 1.65 4.63
C LYS E 99 7.22 2.42 3.91
N ASP E 100 6.21 2.90 4.64
CA ASP E 100 5.11 3.71 4.03
C ASP E 100 5.69 4.95 3.34
N ILE E 101 6.63 5.64 4.00
CA ILE E 101 7.08 7.01 3.64
C ILE E 101 8.28 6.97 2.69
N PHE E 102 9.18 5.98 2.84
CA PHE E 102 10.45 5.91 2.08
C PHE E 102 10.52 4.69 1.18
N GLY E 103 9.56 3.77 1.28
CA GLY E 103 9.66 2.43 0.65
C GLY E 103 10.91 1.71 1.12
N THR E 104 11.61 1.02 0.23
CA THR E 104 12.91 0.35 0.51
C THR E 104 14.01 1.34 0.12
N HIS E 105 15.02 1.48 0.99
CA HIS E 105 15.87 2.70 1.16
C HIS E 105 17.11 2.33 1.98
N THR E 106 18.25 2.95 1.69
CA THR E 106 19.56 2.67 2.33
C THR E 106 19.80 3.64 3.50
N LEU E 107 18.77 4.41 3.87
CA LEU E 107 18.74 5.23 5.13
C LEU E 107 18.35 4.31 6.28
N ASN E 108 19.09 4.37 7.39
CA ASN E 108 18.76 3.61 8.62
C ASN E 108 17.40 4.11 9.15
N GLN E 109 16.78 3.37 10.07
CA GLN E 109 15.52 3.75 10.76
C GLN E 109 15.67 5.17 11.32
N HIS E 110 16.81 5.49 11.93
CA HIS E 110 17.04 6.74 12.71
C HIS E 110 17.16 7.94 11.76
N GLN E 111 17.83 7.79 10.61
CA GLN E 111 18.02 8.89 9.63
C GLN E 111 16.67 9.27 9.02
N ALA E 112 15.89 8.26 8.60
CA ALA E 112 14.54 8.41 8.01
C ALA E 112 13.64 9.20 8.97
N ILE E 113 13.44 8.67 10.18
CA ILE E 113 12.59 9.30 11.24
C ILE E 113 13.04 10.75 11.45
N GLY E 114 14.36 10.98 11.59
CA GLY E 114 14.94 12.32 11.77
C GLY E 114 14.51 13.26 10.66
N LEU E 115 14.57 12.76 9.41
CA LEU E 115 14.26 13.60 8.22
C LEU E 115 12.76 13.90 8.17
N VAL E 116 11.88 12.91 8.32
CA VAL E 116 10.41 13.19 8.29
C VAL E 116 10.07 14.15 9.44
N GLY E 117 10.56 13.88 10.65
CA GLY E 117 10.27 14.69 11.84
C GLY E 117 10.68 16.14 11.65
N THR E 118 11.83 16.37 11.01
CA THR E 118 12.40 17.72 10.79
C THR E 118 11.50 18.49 9.83
N ILE E 119 11.02 17.84 8.78
CA ILE E 119 10.08 18.44 7.79
C ILE E 119 8.82 18.88 8.54
N LEU E 120 8.23 18.00 9.34
CA LEU E 120 6.93 18.25 10.01
C LEU E 120 7.11 19.34 11.06
N LEU E 121 8.15 19.24 11.88
CA LEU E 121 8.40 20.19 12.99
C LEU E 121 8.67 21.57 12.40
N THR E 122 9.50 21.66 11.35
CA THR E 122 9.89 22.95 10.74
C THR E 122 8.65 23.61 10.12
N ALA E 123 7.86 22.88 9.35
CA ALA E 123 6.65 23.41 8.68
C ALA E 123 5.71 24.00 9.74
N GLY E 124 5.56 23.31 10.88
CA GLY E 124 4.74 23.78 12.02
C GLY E 124 5.30 25.05 12.65
N LEU E 125 6.61 25.12 12.90
CA LEU E 125 7.26 26.30 13.56
C LEU E 125 7.27 27.50 12.62
N MET E 126 7.23 27.28 11.30
CA MET E 126 7.22 28.32 10.24
C MET E 126 5.84 28.98 10.14
N SER E 127 4.78 28.35 10.63
CA SER E 127 3.36 28.67 10.30
C SER E 127 2.82 29.75 11.24
N THR E 128 3.64 30.28 12.16
CA THR E 128 3.16 31.19 13.24
C THR E 128 3.41 32.65 12.87
N ILE E 129 2.71 33.55 13.55
CA ILE E 129 2.74 35.00 13.23
C ILE E 129 4.10 35.57 13.63
N LYS E 130 4.72 36.33 12.74
CA LYS E 130 6.03 36.96 12.99
C LYS E 130 5.81 38.05 14.03
N THR E 131 6.71 38.14 15.00
CA THR E 131 6.65 39.14 16.10
C THR E 131 8.08 39.47 16.49
N PRO E 132 8.33 40.72 16.94
CA PRO E 132 9.68 41.11 17.29
C PRO E 132 10.07 40.27 18.51
N VAL E 133 11.33 39.81 18.53
CA VAL E 133 11.91 39.03 19.65
C VAL E 133 12.50 40.02 20.64
N ASN E 134 11.84 40.18 21.78
CA ASN E 134 12.26 41.09 22.87
C ASN E 134 11.94 40.40 24.20
N ALA E 135 12.27 41.05 25.31
CA ALA E 135 12.13 40.50 26.68
C ALA E 135 10.71 39.97 26.87
N THR E 136 9.71 40.76 26.47
CA THR E 136 8.27 40.43 26.63
C THR E 136 7.99 39.15 25.83
N THR E 137 8.26 39.19 24.53
CA THR E 137 7.98 38.09 23.57
C THR E 137 8.77 36.85 23.96
N ILE E 138 9.98 37.01 24.49
CA ILE E 138 10.84 35.85 24.92
C ILE E 138 10.25 35.21 26.18
N LYS E 139 9.56 35.99 27.01
CA LYS E 139 9.01 35.51 28.29
C LYS E 139 7.89 34.50 28.03
N GLU E 140 6.88 34.90 27.25
CA GLU E 140 5.73 34.03 26.86
C GLU E 140 6.27 32.76 26.22
N PHE E 141 7.02 32.93 25.13
CA PHE E 141 7.60 31.82 24.34
C PHE E 141 8.26 30.83 25.31
N PHE E 142 8.91 31.33 26.35
CA PHE E 142 9.61 30.52 27.39
C PHE E 142 8.62 29.69 28.22
N ASN E 143 7.35 30.10 28.31
CA ASN E 143 6.29 29.42 29.12
C ASN E 143 5.98 28.04 28.52
N HIS E 144 6.05 27.93 27.19
CA HIS E 144 5.84 26.68 26.43
C HIS E 144 6.89 25.64 26.86
N ALA E 145 8.07 26.10 27.28
CA ALA E 145 9.23 25.24 27.64
C ALA E 145 9.10 24.66 29.06
N VAL E 146 8.32 25.29 29.94
CA VAL E 146 8.38 25.01 31.41
C VAL E 146 7.00 24.79 32.03
N GLU E 147 5.92 25.34 31.44
CA GLU E 147 4.55 25.22 32.02
C GLU E 147 3.93 23.89 31.57
N GLY E 148 3.30 23.18 32.50
CA GLY E 148 2.74 21.83 32.28
C GLY E 148 1.42 21.89 31.53
N MET F 12 23.97 43.19 36.80
CA MET F 12 24.83 42.01 37.08
C MET F 12 25.22 41.35 35.73
N MET F 13 24.98 40.05 35.57
CA MET F 13 25.21 39.29 34.31
C MET F 13 23.90 39.30 33.49
N GLN F 14 23.97 39.79 32.24
CA GLN F 14 22.78 40.16 31.44
C GLN F 14 22.77 39.43 30.09
N LEU F 15 21.56 39.15 29.59
CA LEU F 15 21.34 38.52 28.27
C LEU F 15 21.72 39.52 27.17
N ALA F 16 22.40 39.05 26.13
CA ALA F 16 22.84 39.90 24.99
C ALA F 16 22.81 39.09 23.69
N TYR F 17 23.01 39.76 22.56
CA TYR F 17 22.88 39.12 21.23
C TYR F 17 23.80 39.81 20.23
N LEU F 18 24.27 39.00 19.27
CA LEU F 18 24.80 39.47 17.96
C LEU F 18 23.62 39.40 16.97
N ASP F 19 23.13 40.57 16.55
CA ASP F 19 22.03 40.68 15.56
C ASP F 19 22.58 40.23 14.21
N ARG F 20 21.98 39.19 13.61
CA ARG F 20 22.32 38.72 12.24
C ARG F 20 21.09 38.95 11.33
N GLY F 21 20.18 39.82 11.74
CA GLY F 21 19.03 40.27 10.93
C GLY F 21 17.97 39.19 10.87
N PHE F 22 18.23 38.09 10.17
CA PHE F 22 17.27 36.98 9.99
C PHE F 22 17.09 36.23 11.30
N TYR F 23 17.96 36.49 12.27
CA TYR F 23 17.94 35.86 13.62
C TYR F 23 18.99 36.55 14.47
N LYS F 24 18.99 36.23 15.76
CA LYS F 24 19.94 36.73 16.78
C LYS F 24 20.67 35.51 17.37
N HIS F 25 21.98 35.64 17.62
CA HIS F 25 22.83 34.69 18.37
C HIS F 25 22.94 35.24 19.80
N TYR F 26 22.51 34.48 20.80
CA TYR F 26 22.36 34.96 22.20
C TYR F 26 23.54 34.52 23.08
N GLY F 27 23.80 35.31 24.13
CA GLY F 27 24.80 34.99 25.16
C GLY F 27 24.51 35.71 26.46
N ILE F 28 25.27 35.35 27.51
CA ILE F 28 25.26 35.99 28.85
C ILE F 28 26.60 36.72 29.01
N ILE F 29 26.53 38.01 29.32
CA ILE F 29 27.70 38.91 29.58
C ILE F 29 28.13 38.68 31.03
N VAL F 30 29.39 38.32 31.25
CA VAL F 30 30.06 38.37 32.58
C VAL F 30 31.44 38.99 32.37
N GLY F 31 31.70 40.13 33.03
CA GLY F 31 32.92 40.94 32.85
C GLY F 31 33.17 41.22 31.37
N GLU F 32 34.37 40.85 30.89
CA GLU F 32 34.80 41.06 29.48
C GLU F 32 34.56 39.78 28.66
N SER F 33 33.72 38.87 29.16
CA SER F 33 33.46 37.54 28.55
C SER F 33 32.00 37.43 28.10
N VAL F 34 31.73 36.53 27.15
CA VAL F 34 30.33 36.15 26.77
C VAL F 34 30.21 34.62 26.72
N TYR F 35 29.35 34.08 27.59
CA TYR F 35 28.93 32.65 27.55
C TYR F 35 27.82 32.51 26.50
N GLN F 36 28.08 31.73 25.45
CA GLN F 36 27.13 31.44 24.35
C GLN F 36 27.16 29.94 24.06
N LEU F 37 26.13 29.43 23.42
CA LEU F 37 26.14 28.06 22.87
C LEU F 37 27.10 28.02 21.68
N ASP F 38 27.99 27.03 21.65
CA ASP F 38 29.02 26.83 20.60
C ASP F 38 28.32 26.29 19.34
N SER F 39 27.79 27.18 18.51
CA SER F 39 26.93 26.84 17.35
C SER F 39 26.61 28.12 16.57
N ASP F 40 26.76 28.09 15.24
CA ASP F 40 26.29 29.20 14.37
C ASP F 40 24.89 28.87 13.82
N ASP F 41 24.26 27.78 14.27
CA ASP F 41 22.89 27.38 13.82
C ASP F 41 22.10 26.80 15.00
N ILE F 42 21.39 27.67 15.72
CA ILE F 42 20.58 27.32 16.92
C ILE F 42 19.47 26.34 16.53
N PHE F 43 19.03 26.37 15.27
CA PHE F 43 17.90 25.54 14.79
C PHE F 43 18.38 24.10 14.62
N LYS F 44 19.52 23.92 13.95
CA LYS F 44 20.24 22.62 13.89
C LYS F 44 20.43 22.12 15.32
N THR F 45 20.93 22.97 16.23
CA THR F 45 21.20 22.60 17.65
C THR F 45 19.92 21.99 18.25
N ALA F 46 18.80 22.72 18.17
CA ALA F 46 17.49 22.31 18.70
C ALA F 46 17.10 20.92 18.17
N LEU F 47 17.30 20.69 16.86
CA LEU F 47 16.97 19.43 16.17
C LEU F 47 17.85 18.28 16.69
N THR F 48 19.10 18.54 17.10
CA THR F 48 20.06 17.48 17.52
C THR F 48 19.82 17.08 18.97
N GLY F 49 19.35 18.00 19.83
CA GLY F 49 19.06 17.70 21.25
C GLY F 49 20.26 17.89 22.15
N LYS F 50 21.40 18.29 21.58
CA LYS F 50 22.66 18.58 22.33
C LYS F 50 23.07 20.03 22.08
N ALA F 51 23.70 20.64 23.07
CA ALA F 51 24.34 21.96 22.98
C ALA F 51 25.57 22.00 23.90
N ARG F 52 26.66 22.61 23.46
CA ARG F 52 27.90 22.80 24.28
C ARG F 52 28.19 24.30 24.42
N PHE F 53 28.38 24.78 25.65
CA PHE F 53 28.73 26.18 25.97
C PHE F 53 30.18 26.45 25.56
N THR F 54 30.46 27.71 25.27
CA THR F 54 31.82 28.24 25.02
C THR F 54 31.88 29.69 25.52
N ARG F 55 33.09 30.19 25.78
CA ARG F 55 33.35 31.60 26.18
C ARG F 55 34.16 32.28 25.07
N THR F 56 33.77 33.51 24.70
CA THR F 56 34.53 34.39 23.78
C THR F 56 34.68 35.77 24.42
N LYS F 57 35.64 36.54 23.92
CA LYS F 57 35.91 37.93 24.37
C LYS F 57 34.71 38.79 23.99
N LEU F 58 34.20 39.59 24.94
CA LEU F 58 33.18 40.65 24.72
C LEU F 58 33.70 41.64 23.66
N THR F 59 32.86 41.99 22.67
CA THR F 59 33.12 43.07 21.67
C THR F 59 31.95 44.05 21.68
N PRO F 60 32.08 45.24 21.06
CA PRO F 60 30.99 46.21 21.03
C PRO F 60 29.79 45.74 20.18
N ASP F 61 29.97 44.67 19.41
CA ASP F 61 28.92 44.08 18.52
C ASP F 61 27.82 43.44 19.38
N TRP F 62 28.12 43.07 20.63
CA TRP F 62 27.09 42.47 21.55
C TRP F 62 26.18 43.59 22.03
N VAL F 63 24.87 43.34 22.04
CA VAL F 63 23.84 44.32 22.50
C VAL F 63 23.04 43.68 23.63
N ILE F 64 22.86 44.40 24.73
CA ILE F 64 22.08 43.94 25.91
C ILE F 64 20.62 43.77 25.45
N GLU F 65 19.99 42.66 25.81
CA GLU F 65 18.52 42.48 25.67
C GLU F 65 17.87 43.15 26.88
N GLU F 66 17.58 44.45 26.80
CA GLU F 66 17.23 45.27 27.99
C GLU F 66 15.80 44.96 28.43
N GLY F 67 15.57 44.95 29.74
CA GLY F 67 14.30 44.54 30.36
C GLY F 67 14.30 43.06 30.68
N CYS F 68 15.32 42.33 30.20
CA CYS F 68 15.46 40.88 30.40
C CYS F 68 16.38 40.60 31.59
N GLU F 69 15.76 40.28 32.72
CA GLU F 69 16.47 39.83 33.94
C GLU F 69 16.29 38.32 34.01
N LEU F 70 17.37 37.62 34.36
CA LEU F 70 17.42 36.14 34.42
C LEU F 70 16.55 35.63 35.57
N ASP F 71 16.29 36.50 36.55
CA ASP F 71 15.50 36.20 37.77
C ASP F 71 14.17 35.55 37.38
N TYR F 72 13.43 36.20 36.49
CA TYR F 72 12.09 35.76 36.04
C TYR F 72 12.14 34.32 35.52
N PHE F 73 13.18 34.01 34.75
CA PHE F 73 13.37 32.71 34.05
C PHE F 73 13.84 31.65 35.03
N ARG F 74 14.73 32.02 35.95
CA ARG F 74 15.25 31.10 36.99
C ARG F 74 14.06 30.58 37.78
N VAL F 75 13.16 31.48 38.17
CA VAL F 75 12.00 31.19 39.04
C VAL F 75 11.12 30.13 38.35
N LYS F 76 10.63 30.47 37.16
CA LYS F 76 9.71 29.62 36.35
C LYS F 76 10.34 28.26 36.10
N TYR F 77 11.63 28.23 35.78
CA TYR F 77 12.40 27.01 35.42
C TYR F 77 12.41 26.02 36.59
N LEU F 78 12.77 26.52 37.76
CA LEU F 78 12.96 25.69 38.98
C LEU F 78 11.58 25.31 39.52
N GLU F 79 10.57 26.11 39.19
CA GLU F 79 9.14 25.82 39.48
C GLU F 79 8.66 24.68 38.59
N SER F 80 9.12 24.66 37.34
CA SER F 80 8.70 23.71 36.27
C SER F 80 8.91 22.27 36.72
N SER F 81 7.92 21.43 36.45
CA SER F 81 7.99 19.95 36.55
C SER F 81 8.30 19.36 35.18
N VAL F 82 8.19 20.19 34.13
CA VAL F 82 8.56 19.80 32.73
C VAL F 82 10.03 19.40 32.75
N ASN F 83 10.31 18.26 32.13
CA ASN F 83 11.65 17.62 32.11
C ASN F 83 12.14 17.61 30.66
N SER F 84 13.14 18.45 30.37
CA SER F 84 13.72 18.61 29.02
C SER F 84 14.60 17.39 28.72
N GLU F 85 14.61 16.94 27.46
CA GLU F 85 15.53 15.90 26.96
C GLU F 85 16.69 16.55 26.20
N HIS F 86 16.78 17.89 26.25
CA HIS F 86 17.96 18.67 25.78
C HIS F 86 19.11 18.51 26.75
N ILE F 87 20.29 18.21 26.23
CA ILE F 87 21.51 18.00 27.03
C ILE F 87 22.49 19.13 26.76
N PHE F 88 22.82 19.86 27.82
CA PHE F 88 23.76 21.01 27.79
C PHE F 88 25.10 20.55 28.37
N SER F 89 26.18 20.74 27.60
CA SER F 89 27.59 20.44 27.96
C SER F 89 28.40 21.73 27.97
N VAL F 90 29.61 21.71 28.54
CA VAL F 90 30.54 22.88 28.63
C VAL F 90 31.90 22.48 28.03
N ASP F 91 32.64 23.46 27.51
CA ASP F 91 34.01 23.24 26.93
C ASP F 91 35.05 23.51 28.02
N HIS F 92 36.33 23.60 27.65
CA HIS F 92 37.47 23.82 28.57
C HIS F 92 37.45 25.26 29.12
N ASN F 93 36.90 26.22 28.36
CA ASN F 93 36.90 27.67 28.69
C ASN F 93 35.83 28.00 29.74
N CYS F 94 34.93 27.05 30.06
CA CYS F 94 33.69 27.30 30.84
C CYS F 94 33.72 26.55 32.18
N GLU F 95 34.88 26.32 32.77
CA GLU F 95 35.00 25.61 34.07
C GLU F 95 34.17 26.38 35.13
N THR F 96 34.39 27.69 35.26
CA THR F 96 33.80 28.53 36.34
C THR F 96 32.37 29.00 35.98
N ILE F 97 31.85 28.62 34.80
CA ILE F 97 30.61 29.22 34.21
C ILE F 97 29.51 29.36 35.28
N ALA F 98 29.22 28.28 36.02
CA ALA F 98 28.12 28.20 37.02
C ALA F 98 28.28 29.31 38.06
N LYS F 99 29.46 29.41 38.68
CA LYS F 99 29.79 30.40 39.74
C LYS F 99 29.67 31.83 39.18
N ASP F 100 30.12 32.05 37.94
CA ASP F 100 30.24 33.38 37.30
C ASP F 100 28.85 34.02 37.13
N ILE F 101 27.85 33.24 36.69
CA ILE F 101 26.52 33.76 36.26
C ILE F 101 25.61 33.91 37.50
N PHE F 102 25.75 33.05 38.50
CA PHE F 102 24.83 32.96 39.67
C PHE F 102 25.54 33.45 40.95
N GLY F 103 26.74 32.93 41.23
CA GLY F 103 27.57 33.35 42.36
C GLY F 103 26.96 32.98 43.69
N THR F 104 27.17 31.73 44.12
CA THR F 104 26.78 31.19 45.44
C THR F 104 25.25 31.10 45.54
N HIS F 105 24.57 30.72 44.45
CA HIS F 105 23.16 30.26 44.45
C HIS F 105 23.15 28.75 44.63
N THR F 106 22.27 28.25 45.49
CA THR F 106 22.32 26.88 46.02
C THR F 106 21.71 25.89 45.01
N LEU F 107 21.36 26.37 43.80
CA LEU F 107 21.02 25.50 42.63
C LEU F 107 22.34 24.93 42.08
N ASN F 108 22.39 23.62 41.84
CA ASN F 108 23.63 22.86 41.53
C ASN F 108 24.11 23.21 40.12
N GLN F 109 25.24 22.63 39.71
CA GLN F 109 25.91 22.90 38.41
C GLN F 109 24.97 22.54 37.25
N HIS F 110 24.49 21.29 37.22
CA HIS F 110 23.58 20.72 36.19
C HIS F 110 22.40 21.69 35.95
N GLN F 111 21.71 22.07 37.02
CA GLN F 111 20.50 22.95 36.99
C GLN F 111 20.85 24.30 36.36
N ALA F 112 22.03 24.85 36.69
CA ALA F 112 22.48 26.18 36.23
C ALA F 112 22.78 26.13 34.73
N ILE F 113 23.60 25.17 34.28
CA ILE F 113 23.97 24.96 32.85
C ILE F 113 22.68 24.80 32.04
N GLY F 114 21.77 23.92 32.49
CA GLY F 114 20.50 23.59 31.82
C GLY F 114 19.54 24.76 31.79
N LEU F 115 19.50 25.56 32.87
CA LEU F 115 18.72 26.83 32.93
C LEU F 115 19.26 27.79 31.86
N VAL F 116 20.55 28.08 31.91
CA VAL F 116 21.19 29.07 30.98
C VAL F 116 20.96 28.58 29.55
N GLY F 117 21.31 27.32 29.26
CA GLY F 117 21.20 26.70 27.94
C GLY F 117 19.78 26.80 27.39
N THR F 118 18.77 26.62 28.26
CA THR F 118 17.32 26.71 27.90
C THR F 118 16.96 28.16 27.54
N ILE F 119 17.52 29.14 28.24
CA ILE F 119 17.30 30.59 27.97
C ILE F 119 17.86 30.92 26.59
N LEU F 120 19.11 30.55 26.31
CA LEU F 120 19.80 30.88 25.04
C LEU F 120 19.13 30.10 23.90
N LEU F 121 18.70 28.87 24.16
CA LEU F 121 18.06 28.03 23.11
C LEU F 121 16.69 28.61 22.77
N THR F 122 15.93 28.98 23.80
CA THR F 122 14.58 29.59 23.67
C THR F 122 14.70 30.86 22.82
N ALA F 123 15.48 31.84 23.27
CA ALA F 123 15.67 33.15 22.61
C ALA F 123 16.19 32.91 21.18
N GLY F 124 17.23 32.08 21.02
CA GLY F 124 17.86 31.81 19.72
C GLY F 124 16.85 31.19 18.77
N LEU F 125 16.09 30.20 19.22
CA LEU F 125 15.13 29.47 18.36
C LEU F 125 13.96 30.40 17.98
N MET F 126 13.42 31.12 18.95
CA MET F 126 12.39 32.16 18.72
C MET F 126 12.79 33.08 17.57
N SER F 127 14.02 33.62 17.57
CA SER F 127 14.49 34.60 16.57
C SER F 127 14.52 33.97 15.17
N THR F 128 14.67 32.63 15.05
CA THR F 128 14.79 31.97 13.71
C THR F 128 13.40 31.88 13.07
N ILE F 129 12.33 31.98 13.85
CA ILE F 129 10.96 31.65 13.35
C ILE F 129 9.99 32.81 13.53
N LYS F 130 10.31 33.80 14.35
CA LYS F 130 9.39 34.92 14.67
C LYS F 130 9.86 36.22 14.03
N THR F 131 11.13 36.32 13.62
CA THR F 131 11.72 37.64 13.28
C THR F 131 10.98 38.19 12.08
N PRO F 132 10.33 39.37 12.19
CA PRO F 132 9.76 40.01 11.00
C PRO F 132 10.93 40.44 10.11
N VAL F 133 10.74 40.22 8.82
CA VAL F 133 11.76 40.42 7.77
C VAL F 133 11.30 41.60 6.91
N ASN F 134 12.22 42.48 6.54
CA ASN F 134 11.91 43.61 5.64
C ASN F 134 13.17 43.93 4.85
N ALA F 135 13.17 45.05 4.16
CA ALA F 135 14.19 45.35 3.12
C ALA F 135 15.55 45.70 3.74
N THR F 136 15.63 45.89 5.07
CA THR F 136 16.89 46.25 5.78
C THR F 136 17.40 45.09 6.60
N THR F 137 16.73 43.95 6.59
CA THR F 137 17.09 42.77 7.42
C THR F 137 18.50 42.31 7.03
N ILE F 138 18.80 42.30 5.74
CA ILE F 138 20.12 41.86 5.18
C ILE F 138 21.26 42.65 5.80
N LYS F 139 20.97 43.80 6.38
CA LYS F 139 22.02 44.71 6.82
C LYS F 139 22.83 44.10 7.96
N GLU F 140 22.15 43.58 8.99
CA GLU F 140 22.83 42.99 10.17
C GLU F 140 23.30 41.58 9.81
N PHE F 141 22.61 40.92 8.89
CA PHE F 141 23.03 39.61 8.33
C PHE F 141 24.49 39.71 7.83
N PHE F 142 24.74 40.65 6.93
CA PHE F 142 26.06 40.82 6.29
C PHE F 142 27.07 41.45 7.27
N ASN F 143 26.56 42.23 8.21
CA ASN F 143 27.39 42.97 9.20
C ASN F 143 28.07 42.02 10.19
N HIS F 144 27.39 40.94 10.61
CA HIS F 144 27.86 39.96 11.63
C HIS F 144 27.79 38.54 11.04
N ALA F 145 28.49 38.28 9.92
CA ALA F 145 28.41 37.00 9.19
C ALA F 145 29.10 35.87 9.98
N VAL F 146 28.71 34.61 9.67
CA VAL F 146 29.33 33.38 10.23
C VAL F 146 30.71 33.21 9.59
N GLU F 147 31.62 32.53 10.30
CA GLU F 147 33.05 32.46 9.95
C GLU F 147 33.34 31.11 9.26
N MET G 1 40.83 63.81 25.67
CA MET G 1 40.58 63.12 24.37
C MET G 1 39.89 61.78 24.65
N SER G 2 38.74 61.53 24.00
CA SER G 2 38.08 60.20 23.96
C SER G 2 39.00 59.24 23.21
N SER G 3 38.78 57.93 23.37
CA SER G 3 39.64 56.83 22.85
C SER G 3 39.54 56.78 21.34
N PRO G 4 40.65 56.42 20.64
CA PRO G 4 40.62 56.13 19.21
C PRO G 4 39.52 55.11 18.87
N TYR G 5 38.74 55.39 17.82
CA TYR G 5 37.62 54.55 17.36
C TYR G 5 37.96 53.98 15.99
N VAL G 6 37.76 52.67 15.84
CA VAL G 6 37.89 51.92 14.54
C VAL G 6 36.50 51.38 14.21
N PRO G 7 35.67 52.12 13.44
CA PRO G 7 34.32 51.67 13.13
C PRO G 7 34.34 50.40 12.26
N THR G 8 33.71 49.32 12.75
CA THR G 8 33.63 47.99 12.10
C THR G 8 32.29 47.82 11.34
N ASP G 9 31.31 48.70 11.57
CA ASP G 9 29.93 48.57 11.02
C ASP G 9 29.91 48.78 9.50
N ASN G 10 29.17 47.93 8.80
CA ASN G 10 28.77 48.19 7.38
C ASN G 10 27.85 49.42 7.31
N ARG G 11 27.60 49.91 6.10
CA ARG G 11 26.72 51.07 5.82
C ARG G 11 25.25 50.65 5.94
N MET G 12 24.32 51.60 6.13
CA MET G 12 22.86 51.35 6.05
C MET G 12 22.55 50.98 4.61
N MET G 13 21.64 50.03 4.39
CA MET G 13 21.39 49.48 3.04
C MET G 13 19.97 48.95 2.94
N GLN G 14 19.44 48.91 1.71
CA GLN G 14 18.12 48.30 1.42
C GLN G 14 18.26 47.31 0.28
N LEU G 15 17.62 46.16 0.44
CA LEU G 15 17.35 45.20 -0.66
C LEU G 15 16.26 45.81 -1.53
N ALA G 16 16.50 45.88 -2.84
CA ALA G 16 15.57 46.47 -3.83
C ALA G 16 15.68 45.67 -5.11
N TYR G 17 14.76 45.89 -6.06
CA TYR G 17 14.77 45.17 -7.35
C TYR G 17 14.26 46.10 -8.46
N LEU G 18 14.66 45.80 -9.71
CA LEU G 18 14.05 46.35 -10.93
C LEU G 18 13.16 45.27 -11.55
N ASP G 19 11.96 45.66 -11.98
CA ASP G 19 11.07 44.80 -12.80
C ASP G 19 11.74 44.58 -14.16
N ARG G 20 12.12 43.34 -14.48
CA ARG G 20 12.64 42.92 -15.80
C ARG G 20 11.61 42.01 -16.50
N GLY G 21 10.32 42.14 -16.17
CA GLY G 21 9.23 41.42 -16.83
C GLY G 21 9.12 40.00 -16.34
N PHE G 22 10.08 39.13 -16.69
CA PHE G 22 10.03 37.68 -16.33
C PHE G 22 10.80 37.43 -15.02
N TYR G 23 11.45 38.43 -14.44
CA TYR G 23 12.15 38.25 -13.13
C TYR G 23 12.41 39.59 -12.48
N LYS G 24 12.76 39.56 -11.20
CA LYS G 24 13.20 40.74 -10.41
C LYS G 24 14.72 40.78 -10.36
N HIS G 25 15.30 41.89 -10.79
CA HIS G 25 16.75 42.18 -10.78
C HIS G 25 17.06 42.84 -9.44
N TYR G 26 17.67 42.11 -8.54
CA TYR G 26 17.89 42.54 -7.14
C TYR G 26 19.14 43.39 -7.08
N GLY G 27 19.13 44.38 -6.18
CA GLY G 27 20.30 45.20 -5.87
C GLY G 27 20.31 45.52 -4.39
N ILE G 28 21.44 46.06 -3.92
CA ILE G 28 21.54 46.63 -2.55
C ILE G 28 21.79 48.13 -2.67
N ILE G 29 20.84 48.93 -2.20
CA ILE G 29 20.95 50.41 -2.22
C ILE G 29 21.87 50.83 -1.07
N VAL G 30 22.96 51.53 -1.37
CA VAL G 30 23.82 52.22 -0.37
C VAL G 30 23.94 53.67 -0.84
N GLY G 31 23.33 54.61 -0.10
CA GLY G 31 23.24 56.02 -0.51
C GLY G 31 22.54 56.14 -1.85
N GLU G 32 23.11 56.90 -2.78
CA GLU G 32 22.53 57.13 -4.14
C GLU G 32 23.02 56.03 -5.10
N SER G 33 23.59 54.92 -4.59
CA SER G 33 24.21 53.88 -5.44
C SER G 33 23.54 52.52 -5.19
N VAL G 34 23.48 51.70 -6.23
CA VAL G 34 22.96 50.30 -6.14
C VAL G 34 24.05 49.32 -6.62
N TYR G 35 24.40 48.35 -5.77
CA TYR G 35 25.26 47.19 -6.11
C TYR G 35 24.37 46.06 -6.63
N GLN G 36 24.73 45.47 -7.76
CA GLN G 36 23.91 44.45 -8.44
C GLN G 36 24.81 43.67 -9.38
N LEU G 37 24.39 42.48 -9.79
CA LEU G 37 24.99 41.71 -10.89
C LEU G 37 24.76 42.46 -12.21
N ASP G 38 25.78 42.51 -13.07
CA ASP G 38 25.72 43.18 -14.40
C ASP G 38 25.08 42.21 -15.39
N SER G 39 23.77 42.30 -15.60
CA SER G 39 23.00 41.25 -16.33
C SER G 39 21.63 41.77 -16.76
N ASP G 40 21.20 41.42 -17.98
CA ASP G 40 19.83 41.64 -18.50
C ASP G 40 19.05 40.31 -18.56
N ASP G 41 19.58 39.24 -17.96
CA ASP G 41 18.96 37.89 -18.03
C ASP G 41 19.54 37.00 -16.92
N ILE G 42 18.78 36.84 -15.83
CA ILE G 42 19.20 36.12 -14.59
C ILE G 42 19.60 34.68 -14.95
N PHE G 43 18.87 34.05 -15.87
CA PHE G 43 19.06 32.63 -16.28
C PHE G 43 20.35 32.47 -17.07
N LYS G 44 20.65 33.41 -17.97
CA LYS G 44 21.89 33.39 -18.79
C LYS G 44 23.08 33.56 -17.86
N THR G 45 22.96 34.44 -16.86
CA THR G 45 24.02 34.67 -15.84
C THR G 45 24.32 33.34 -15.14
N ALA G 46 23.28 32.62 -14.72
CA ALA G 46 23.40 31.41 -13.88
C ALA G 46 23.96 30.24 -14.71
N LEU G 47 23.51 30.11 -15.96
CA LEU G 47 23.85 28.98 -16.86
C LEU G 47 25.23 29.19 -17.52
N THR G 48 25.71 30.43 -17.61
CA THR G 48 27.04 30.76 -18.20
C THR G 48 28.07 31.06 -17.10
N GLY G 49 27.63 31.36 -15.88
CA GLY G 49 28.52 31.67 -14.74
C GLY G 49 29.25 32.99 -14.92
N LYS G 50 28.69 33.89 -15.73
CA LYS G 50 29.24 35.25 -15.99
C LYS G 50 28.50 36.24 -15.08
N ALA G 51 28.87 36.26 -13.80
CA ALA G 51 28.20 37.05 -12.73
C ALA G 51 29.19 38.06 -12.16
N ARG G 52 29.22 39.26 -12.76
CA ARG G 52 30.12 40.37 -12.38
C ARG G 52 29.31 41.48 -11.70
N PHE G 53 29.70 41.89 -10.49
CA PHE G 53 29.09 43.03 -9.79
C PHE G 53 29.37 44.32 -10.57
N THR G 54 28.39 45.21 -10.58
CA THR G 54 28.52 46.60 -11.09
C THR G 54 27.79 47.52 -10.11
N ARG G 55 27.96 48.83 -10.28
CA ARG G 55 27.33 49.85 -9.41
C ARG G 55 26.58 50.82 -10.33
N THR G 56 25.31 51.08 -10.05
CA THR G 56 24.47 52.02 -10.84
C THR G 56 24.00 53.13 -9.92
N LYS G 57 23.52 54.22 -10.50
CA LYS G 57 22.93 55.34 -9.74
C LYS G 57 21.49 54.97 -9.39
N LEU G 58 21.09 55.18 -8.14
CA LEU G 58 19.68 54.98 -7.69
C LEU G 58 18.75 55.80 -8.60
N THR G 59 17.65 55.19 -9.02
CA THR G 59 16.54 55.78 -9.80
C THR G 59 15.24 55.47 -9.05
N PRO G 60 14.13 56.20 -9.31
CA PRO G 60 12.86 55.89 -8.68
C PRO G 60 12.22 54.55 -9.12
N ASP G 61 12.82 53.82 -10.07
CA ASP G 61 12.31 52.54 -10.62
C ASP G 61 12.64 51.37 -9.68
N TRP G 62 13.59 51.54 -8.75
CA TRP G 62 13.98 50.47 -7.81
C TRP G 62 12.87 50.31 -6.78
N VAL G 63 12.34 49.10 -6.58
CA VAL G 63 11.32 48.82 -5.54
C VAL G 63 12.03 48.34 -4.28
N ILE G 64 11.85 49.01 -3.16
CA ILE G 64 12.29 48.52 -1.82
C ILE G 64 11.53 47.22 -1.56
N GLU G 65 12.23 46.09 -1.53
CA GLU G 65 11.64 44.75 -1.29
C GLU G 65 11.24 44.68 0.19
N GLU G 66 10.11 45.31 0.55
CA GLU G 66 9.66 45.44 1.96
C GLU G 66 9.10 44.11 2.44
N GLY G 67 8.41 43.38 1.55
CA GLY G 67 7.93 42.01 1.79
C GLY G 67 8.94 41.01 1.27
N CYS G 68 10.16 41.10 1.80
CA CYS G 68 11.32 40.22 1.49
C CYS G 68 10.94 38.78 1.84
N GLU G 69 11.11 37.82 0.90
CA GLU G 69 10.74 36.39 1.10
C GLU G 69 11.97 35.55 1.49
N LEU G 70 13.16 36.16 1.60
CA LEU G 70 14.32 35.55 2.32
C LEU G 70 13.94 35.36 3.78
N ASP G 71 14.20 34.17 4.33
CA ASP G 71 13.99 33.85 5.76
C ASP G 71 15.26 33.15 6.27
N TYR G 72 15.28 32.74 7.54
CA TYR G 72 16.39 32.02 8.21
C TYR G 72 16.86 30.84 7.34
N PHE G 73 15.93 29.98 6.93
CA PHE G 73 16.23 28.67 6.30
C PHE G 73 16.93 28.91 4.96
N ARG G 74 16.37 29.79 4.13
CA ARG G 74 16.92 30.10 2.78
C ARG G 74 18.31 30.69 2.94
N VAL G 75 18.47 31.60 3.91
CA VAL G 75 19.72 32.37 4.12
C VAL G 75 20.82 31.44 4.63
N LYS G 76 20.51 30.52 5.56
CA LYS G 76 21.52 29.59 6.14
C LYS G 76 21.96 28.60 5.06
N TYR G 77 21.04 28.13 4.21
CA TYR G 77 21.40 27.33 3.04
C TYR G 77 22.37 28.13 2.14
N LEU G 78 22.08 29.39 1.86
CA LEU G 78 22.90 30.13 0.86
C LEU G 78 24.29 30.40 1.47
N GLU G 79 24.32 30.72 2.76
CA GLU G 79 25.55 30.91 3.58
C GLU G 79 26.49 29.71 3.40
N SER G 80 25.98 28.48 3.56
CA SER G 80 26.79 27.23 3.59
C SER G 80 27.11 26.74 2.18
N SER G 81 26.43 27.25 1.15
CA SER G 81 26.55 26.78 -0.26
C SER G 81 27.79 27.39 -0.93
N VAL G 82 28.22 28.57 -0.47
CA VAL G 82 29.31 29.36 -1.10
C VAL G 82 30.52 29.38 -0.17
N ASN G 83 31.71 29.17 -0.73
CA ASN G 83 32.99 28.99 0.00
C ASN G 83 34.02 29.97 -0.57
N SER G 84 34.98 29.50 -1.39
CA SER G 84 36.06 30.29 -2.00
C SER G 84 35.95 30.25 -3.53
N GLU G 85 35.74 29.07 -4.11
CA GLU G 85 35.55 28.88 -5.58
C GLU G 85 34.07 29.13 -5.93
N HIS G 86 33.80 30.22 -6.65
CA HIS G 86 32.44 30.62 -7.09
C HIS G 86 32.52 31.53 -8.33
N ILE G 87 31.38 31.77 -8.95
CA ILE G 87 31.25 32.40 -10.31
C ILE G 87 31.27 33.93 -10.25
N PHE G 88 31.40 34.54 -9.06
CA PHE G 88 31.21 36.00 -8.86
C PHE G 88 32.55 36.73 -8.91
N SER G 89 32.52 37.93 -9.48
CA SER G 89 33.65 38.88 -9.61
C SER G 89 33.10 40.31 -9.50
N VAL G 90 34.00 41.30 -9.55
CA VAL G 90 33.67 42.76 -9.43
C VAL G 90 34.38 43.51 -10.56
N ASP G 91 33.69 44.49 -11.18
CA ASP G 91 34.30 45.43 -12.15
C ASP G 91 34.97 46.58 -11.38
N HIS G 92 35.53 47.56 -12.08
CA HIS G 92 36.34 48.67 -11.51
C HIS G 92 35.51 49.53 -10.54
N ASN G 93 34.23 49.75 -10.85
CA ASN G 93 33.37 50.71 -10.13
C ASN G 93 33.08 50.25 -8.69
N CYS G 94 33.41 49.00 -8.35
CA CYS G 94 33.04 48.36 -7.05
C CYS G 94 34.26 48.16 -6.14
N GLU G 95 35.17 49.14 -6.09
CA GLU G 95 36.42 49.06 -5.27
C GLU G 95 36.07 48.94 -3.78
N THR G 96 34.91 49.46 -3.35
CA THR G 96 34.54 49.62 -1.92
C THR G 96 33.32 48.76 -1.56
N ILE G 97 32.91 47.80 -2.39
CA ILE G 97 31.70 46.96 -2.16
C ILE G 97 31.88 46.17 -0.86
N ALA G 98 33.07 45.60 -0.62
CA ALA G 98 33.35 44.77 0.57
C ALA G 98 33.20 45.63 1.84
N LYS G 99 33.62 46.89 1.79
CA LYS G 99 33.62 47.80 2.98
C LYS G 99 32.19 48.29 3.23
N ASP G 100 31.46 48.67 2.19
CA ASP G 100 30.06 49.19 2.31
C ASP G 100 29.13 48.10 2.87
N ILE G 101 29.27 46.86 2.40
CA ILE G 101 28.27 45.79 2.69
C ILE G 101 28.66 45.01 3.94
N PHE G 102 29.95 44.82 4.23
CA PHE G 102 30.41 43.95 5.35
C PHE G 102 31.03 44.73 6.51
N GLY G 103 31.39 46.00 6.31
CA GLY G 103 32.21 46.76 7.28
C GLY G 103 33.59 46.16 7.36
N THR G 104 34.14 46.02 8.57
CA THR G 104 35.43 45.32 8.81
C THR G 104 35.08 43.93 9.36
N HIS G 105 35.69 42.90 8.77
CA HIS G 105 35.19 41.50 8.68
C HIS G 105 36.38 40.55 8.47
N THR G 106 36.25 39.28 8.89
CA THR G 106 37.33 38.26 8.79
C THR G 106 37.12 37.40 7.53
N LEU G 107 36.05 37.63 6.76
CA LEU G 107 35.84 37.03 5.42
C LEU G 107 36.78 37.72 4.42
N ASN G 108 37.68 36.98 3.78
CA ASN G 108 38.53 37.51 2.69
C ASN G 108 37.60 38.13 1.64
N GLN G 109 38.10 39.10 0.87
CA GLN G 109 37.38 39.69 -0.29
C GLN G 109 36.52 38.60 -0.94
N HIS G 110 37.12 37.49 -1.36
CA HIS G 110 36.48 36.49 -2.27
C HIS G 110 35.26 35.85 -1.60
N GLN G 111 35.32 35.55 -0.30
CA GLN G 111 34.18 34.98 0.49
C GLN G 111 33.02 35.99 0.48
N ALA G 112 33.28 37.25 0.81
CA ALA G 112 32.29 38.35 0.90
C ALA G 112 31.49 38.42 -0.40
N ILE G 113 32.20 38.54 -1.52
CA ILE G 113 31.62 38.72 -2.89
C ILE G 113 30.74 37.51 -3.22
N GLY G 114 31.23 36.30 -2.94
CA GLY G 114 30.48 35.05 -3.13
C GLY G 114 29.16 35.06 -2.39
N LEU G 115 29.17 35.55 -1.13
CA LEU G 115 27.97 35.60 -0.27
C LEU G 115 26.96 36.59 -0.87
N VAL G 116 27.37 37.82 -1.16
CA VAL G 116 26.43 38.87 -1.68
C VAL G 116 25.94 38.44 -3.06
N GLY G 117 26.83 37.93 -3.91
CA GLY G 117 26.47 37.39 -5.22
C GLY G 117 25.41 36.30 -5.13
N THR G 118 25.53 35.43 -4.14
CA THR G 118 24.65 34.25 -3.96
C THR G 118 23.25 34.76 -3.58
N ILE G 119 23.20 35.68 -2.62
CA ILE G 119 21.94 36.29 -2.13
C ILE G 119 21.22 36.93 -3.32
N LEU G 120 21.90 37.79 -4.07
CA LEU G 120 21.29 38.57 -5.18
C LEU G 120 20.85 37.63 -6.29
N LEU G 121 21.69 36.69 -6.69
CA LEU G 121 21.38 35.78 -7.82
C LEU G 121 20.15 34.94 -7.45
N THR G 122 20.08 34.45 -6.20
CA THR G 122 19.04 33.52 -5.73
C THR G 122 17.72 34.27 -5.65
N ALA G 123 17.70 35.46 -5.04
CA ALA G 123 16.48 36.28 -4.96
C ALA G 123 15.93 36.41 -6.38
N GLY G 124 16.80 36.75 -7.35
CA GLY G 124 16.44 36.86 -8.77
C GLY G 124 15.81 35.59 -9.31
N LEU G 125 16.45 34.44 -9.12
CA LEU G 125 16.01 33.15 -9.72
C LEU G 125 14.68 32.69 -9.10
N MET G 126 14.47 32.98 -7.82
CA MET G 126 13.26 32.61 -7.04
C MET G 126 12.05 33.44 -7.50
N SER G 127 12.29 34.56 -8.18
CA SER G 127 11.25 35.58 -8.49
C SER G 127 10.47 35.20 -9.76
N THR G 128 10.71 34.03 -10.34
CA THR G 128 10.18 33.66 -11.68
C THR G 128 8.94 32.77 -11.53
N ILE G 129 8.13 32.70 -12.57
CA ILE G 129 6.85 31.95 -12.57
C ILE G 129 7.19 30.46 -12.58
N LYS G 130 6.52 29.66 -11.76
CA LYS G 130 6.72 28.20 -11.71
C LYS G 130 6.12 27.60 -12.98
N THR G 131 6.75 26.56 -13.52
CA THR G 131 6.33 25.85 -14.75
C THR G 131 6.81 24.41 -14.62
N PRO G 132 6.06 23.39 -15.13
CA PRO G 132 6.52 22.01 -15.05
C PRO G 132 7.81 21.91 -15.86
N VAL G 133 8.75 21.13 -15.35
CA VAL G 133 10.06 20.89 -15.99
C VAL G 133 9.87 19.65 -16.87
N ASN G 134 9.85 19.87 -18.20
CA ASN G 134 9.62 18.80 -19.21
C ASN G 134 10.30 19.21 -20.50
N ALA G 135 10.32 18.29 -21.47
CA ALA G 135 11.00 18.42 -22.77
C ALA G 135 10.78 19.82 -23.31
N THR G 136 9.51 20.27 -23.37
CA THR G 136 9.09 21.56 -23.99
C THR G 136 9.61 22.73 -23.15
N THR G 137 9.50 22.68 -21.82
CA THR G 137 9.90 23.80 -20.92
C THR G 137 11.42 23.83 -20.77
N ILE G 138 12.10 22.69 -20.79
CA ILE G 138 13.60 22.66 -20.70
C ILE G 138 14.18 23.32 -21.96
N LYS G 139 13.57 23.06 -23.12
CA LYS G 139 14.01 23.61 -24.44
C LYS G 139 14.01 25.14 -24.37
N GLU G 140 12.91 25.76 -23.95
CA GLU G 140 12.78 27.24 -23.95
C GLU G 140 13.68 27.85 -22.86
N PHE G 141 13.90 27.15 -21.74
CA PHE G 141 14.82 27.59 -20.66
C PHE G 141 16.27 27.53 -21.14
N PHE G 142 16.61 26.53 -21.97
CA PHE G 142 17.98 26.28 -22.48
C PHE G 142 18.43 27.44 -23.38
N ASN G 143 17.48 28.08 -24.08
CA ASN G 143 17.76 29.16 -25.07
C ASN G 143 18.43 30.36 -24.38
N HIS G 144 18.18 30.55 -23.09
CA HIS G 144 18.86 31.57 -22.23
C HIS G 144 20.35 31.22 -22.06
N ALA G 145 20.71 29.93 -22.15
CA ALA G 145 22.09 29.42 -21.89
C ALA G 145 23.02 29.67 -23.08
N VAL G 146 22.47 29.81 -24.29
CA VAL G 146 23.25 29.69 -25.57
C VAL G 146 23.12 30.96 -26.41
N GLU G 147 21.91 31.52 -26.58
CA GLU G 147 21.64 32.61 -27.55
C GLU G 147 22.35 33.90 -27.11
N GLY G 148 23.15 34.49 -28.01
CA GLY G 148 24.04 35.63 -27.76
C GLY G 148 23.71 36.81 -28.66
N MET H 12 20.11 3.92 -28.35
CA MET H 12 19.12 4.97 -27.90
C MET H 12 19.67 5.60 -26.61
N MET H 13 20.20 6.83 -26.71
CA MET H 13 20.95 7.53 -25.61
C MET H 13 20.17 8.77 -25.16
N GLN H 14 19.48 8.67 -24.01
CA GLN H 14 18.34 9.54 -23.60
C GLN H 14 18.62 10.26 -22.27
N LEU H 15 17.98 11.43 -22.09
CA LEU H 15 17.98 12.22 -20.84
C LEU H 15 16.97 11.60 -19.87
N ALA H 16 17.38 11.38 -18.61
CA ALA H 16 16.55 10.78 -17.55
C ALA H 16 16.72 11.58 -16.25
N TYR H 17 15.83 11.36 -15.29
CA TYR H 17 15.87 12.05 -13.98
C TYR H 17 15.51 11.10 -12.85
N LEU H 18 16.09 11.36 -11.67
CA LEU H 18 15.60 10.91 -10.35
C LEU H 18 14.76 12.06 -9.77
N ASP H 19 13.45 11.88 -9.71
CA ASP H 19 12.49 12.88 -9.20
C ASP H 19 12.61 12.91 -7.67
N ARG H 20 13.05 14.04 -7.13
CA ARG H 20 13.08 14.29 -5.66
C ARG H 20 12.01 15.34 -5.31
N GLY H 21 10.97 15.48 -6.15
CA GLY H 21 9.77 16.30 -5.86
C GLY H 21 10.04 17.79 -6.00
N PHE H 22 10.84 18.36 -5.09
CA PHE H 22 11.22 19.80 -5.05
C PHE H 22 12.29 20.11 -6.09
N TYR H 23 12.86 19.06 -6.70
CA TYR H 23 13.82 19.17 -7.82
C TYR H 23 13.97 17.79 -8.47
N LYS H 24 14.71 17.74 -9.57
CA LYS H 24 15.04 16.50 -10.31
C LYS H 24 16.57 16.43 -10.40
N HIS H 25 17.13 15.25 -10.16
CA HIS H 25 18.54 14.95 -10.44
C HIS H 25 18.56 14.33 -11.83
N TYR H 26 19.18 15.01 -12.80
CA TYR H 26 19.23 14.58 -14.22
C TYR H 26 20.50 13.78 -14.49
N GLY H 27 20.42 12.88 -15.47
CA GLY H 27 21.56 12.08 -15.97
C GLY H 27 21.29 11.58 -17.39
N ILE H 28 22.28 10.93 -18.02
CA ILE H 28 22.15 10.34 -19.38
C ILE H 28 22.27 8.82 -19.27
N ILE H 29 21.23 8.11 -19.74
CA ILE H 29 21.19 6.62 -19.79
C ILE H 29 21.92 6.15 -21.05
N VAL H 30 22.93 5.31 -20.87
CA VAL H 30 23.56 4.51 -21.95
C VAL H 30 23.68 3.07 -21.43
N GLY H 31 23.07 2.11 -22.13
CA GLY H 31 22.97 0.72 -21.67
C GLY H 31 22.46 0.66 -20.23
N GLU H 32 23.18 -0.04 -19.35
CA GLU H 32 22.75 -0.29 -17.95
C GLU H 32 23.47 0.67 -17.00
N SER H 33 23.99 1.79 -17.50
CA SER H 33 24.73 2.81 -16.70
C SER H 33 24.14 4.21 -16.95
N VAL H 34 24.39 5.14 -16.03
CA VAL H 34 23.85 6.54 -16.06
C VAL H 34 24.99 7.53 -15.81
N TYR H 35 25.23 8.43 -16.76
CA TYR H 35 26.18 9.57 -16.61
C TYR H 35 25.44 10.74 -15.96
N GLN H 36 26.02 11.29 -14.91
CA GLN H 36 25.43 12.40 -14.12
C GLN H 36 26.56 13.28 -13.57
N LEU H 37 26.23 14.49 -13.15
CA LEU H 37 27.13 15.38 -12.39
C LEU H 37 27.26 14.82 -10.98
N ASP H 38 28.49 14.80 -10.44
CA ASP H 38 28.81 14.18 -9.14
C ASP H 38 28.47 15.19 -8.05
N SER H 39 27.21 15.23 -7.63
CA SER H 39 26.65 16.27 -6.73
C SER H 39 25.18 15.98 -6.44
N ASP H 40 24.78 16.12 -5.18
CA ASP H 40 23.36 16.03 -4.77
C ASP H 40 22.79 17.44 -4.62
N ASP H 41 23.55 18.48 -4.98
CA ASP H 41 23.07 19.88 -4.91
C ASP H 41 23.55 20.66 -6.14
N ILE H 42 22.74 20.65 -7.20
CA ILE H 42 23.06 21.21 -8.55
C ILE H 42 23.17 22.74 -8.44
N PHE H 43 22.42 23.35 -7.52
CA PHE H 43 22.41 24.81 -7.28
C PHE H 43 23.80 25.24 -6.79
N LYS H 44 24.27 24.58 -5.73
CA LYS H 44 25.64 24.75 -5.17
C LYS H 44 26.67 24.66 -6.30
N THR H 45 26.58 23.64 -7.15
CA THR H 45 27.59 23.37 -8.21
C THR H 45 27.57 24.53 -9.22
N ALA H 46 26.39 24.99 -9.64
CA ALA H 46 26.21 26.18 -10.50
C ALA H 46 26.97 27.38 -9.90
N LEU H 47 26.77 27.63 -8.61
CA LEU H 47 27.46 28.71 -7.86
C LEU H 47 28.98 28.50 -7.87
N THR H 48 29.47 27.27 -7.77
CA THR H 48 30.93 26.98 -7.73
C THR H 48 31.53 27.26 -9.12
N GLY H 49 30.77 27.02 -10.19
CA GLY H 49 31.23 27.21 -11.58
C GLY H 49 32.06 26.03 -12.06
N LYS H 50 31.98 24.89 -11.36
CA LYS H 50 32.72 23.62 -11.67
C LYS H 50 31.83 22.40 -11.38
N ALA H 51 31.88 21.40 -12.24
CA ALA H 51 31.15 20.12 -12.10
C ALA H 51 32.02 18.96 -12.60
N ARG H 52 31.94 17.82 -11.92
CA ARG H 52 32.63 16.56 -12.32
C ARG H 52 31.58 15.50 -12.65
N PHE H 53 31.59 14.99 -13.87
CA PHE H 53 30.82 13.79 -14.31
C PHE H 53 31.23 12.57 -13.48
N THR H 54 30.26 11.70 -13.21
CA THR H 54 30.44 10.36 -12.61
C THR H 54 29.51 9.37 -13.32
N ARG H 55 29.75 8.08 -13.12
CA ARG H 55 28.86 6.99 -13.64
C ARG H 55 28.46 6.09 -12.47
N THR H 56 27.16 5.96 -12.24
CA THR H 56 26.56 4.91 -11.37
C THR H 56 25.70 4.02 -12.25
N LYS H 57 25.28 2.86 -11.73
CA LYS H 57 24.55 1.85 -12.54
C LYS H 57 23.06 2.23 -12.53
N LEU H 58 22.39 1.95 -13.66
CA LEU H 58 20.94 2.19 -13.87
C LEU H 58 20.14 1.43 -12.82
N THR H 59 18.99 1.99 -12.41
CA THR H 59 17.96 1.34 -11.56
C THR H 59 16.59 1.71 -12.13
N PRO H 60 15.50 1.05 -11.69
CA PRO H 60 14.14 1.46 -12.09
C PRO H 60 13.71 2.86 -11.61
N ASP H 61 14.40 3.41 -10.61
CA ASP H 61 14.10 4.78 -10.10
C ASP H 61 14.30 5.83 -11.20
N TRP H 62 15.15 5.58 -12.20
CA TRP H 62 15.42 6.57 -13.27
C TRP H 62 14.24 6.59 -14.25
N VAL H 63 13.80 7.77 -14.68
CA VAL H 63 12.66 7.95 -15.62
C VAL H 63 13.15 8.77 -16.82
N ILE H 64 12.77 8.34 -18.02
CA ILE H 64 13.10 9.01 -19.32
C ILE H 64 12.34 10.34 -19.36
N GLU H 65 13.01 11.44 -19.71
CA GLU H 65 12.34 12.74 -20.01
C GLU H 65 11.86 12.68 -21.47
N GLU H 66 10.56 12.45 -21.66
CA GLU H 66 9.91 12.11 -22.95
C GLU H 66 10.03 13.26 -23.95
N GLY H 67 10.33 12.93 -25.21
CA GLY H 67 10.46 13.88 -26.33
C GLY H 67 11.63 14.83 -26.15
N CYS H 68 12.64 14.45 -25.36
CA CYS H 68 13.86 15.27 -25.10
C CYS H 68 15.05 14.69 -25.87
N GLU H 69 15.03 14.82 -27.20
CA GLU H 69 16.10 14.34 -28.11
C GLU H 69 17.34 15.22 -27.86
N LEU H 70 18.48 14.59 -27.59
CA LEU H 70 19.77 15.30 -27.33
C LEU H 70 20.21 16.07 -28.58
N ASP H 71 19.84 15.58 -29.77
CA ASP H 71 20.20 16.19 -31.09
C ASP H 71 19.80 17.68 -31.11
N TYR H 72 18.62 18.01 -30.56
CA TYR H 72 18.09 19.41 -30.52
C TYR H 72 19.06 20.32 -29.75
N PHE H 73 19.65 19.81 -28.67
CA PHE H 73 20.59 20.56 -27.79
C PHE H 73 21.95 20.68 -28.48
N ARG H 74 22.45 19.57 -29.04
CA ARG H 74 23.75 19.51 -29.76
C ARG H 74 23.78 20.62 -30.82
N VAL H 75 22.72 20.71 -31.62
CA VAL H 75 22.50 21.77 -32.66
C VAL H 75 22.69 23.16 -32.03
N LYS H 76 21.86 23.51 -31.05
CA LYS H 76 21.76 24.88 -30.46
C LYS H 76 23.07 25.30 -29.78
N TYR H 77 23.79 24.35 -29.16
CA TYR H 77 25.06 24.62 -28.41
C TYR H 77 26.22 24.84 -29.38
N LEU H 78 26.27 24.05 -30.45
CA LEU H 78 27.34 24.09 -31.49
C LEU H 78 27.12 25.28 -32.44
N GLU H 79 25.95 25.94 -32.36
CA GLU H 79 25.61 27.17 -33.13
C GLU H 79 26.03 28.41 -32.33
N SER H 80 25.87 28.36 -31.00
CA SER H 80 26.05 29.50 -30.05
C SER H 80 27.46 30.06 -30.12
N SER H 81 27.60 31.38 -29.93
CA SER H 81 28.88 32.12 -29.74
C SER H 81 29.15 32.31 -28.25
N VAL H 82 28.09 32.34 -27.42
CA VAL H 82 28.17 32.43 -25.93
C VAL H 82 29.00 31.24 -25.44
N ASN H 83 30.18 31.52 -24.88
CA ASN H 83 31.09 30.53 -24.25
C ASN H 83 30.86 30.55 -22.73
N SER H 84 30.27 29.47 -22.19
CA SER H 84 30.08 29.25 -20.73
C SER H 84 31.43 29.38 -20.00
N GLU H 85 31.41 29.91 -18.77
CA GLU H 85 32.59 29.92 -17.86
C GLU H 85 32.51 28.75 -16.88
N HIS H 86 31.51 27.87 -17.01
CA HIS H 86 31.39 26.61 -16.22
C HIS H 86 32.45 25.60 -16.73
N ILE H 87 33.15 24.96 -15.81
CA ILE H 87 34.24 23.96 -16.10
C ILE H 87 33.72 22.57 -15.76
N PHE H 88 33.50 21.73 -16.78
CA PHE H 88 33.11 20.32 -16.64
C PHE H 88 34.34 19.43 -16.78
N SER H 89 34.65 18.65 -15.74
CA SER H 89 35.74 17.64 -15.72
C SER H 89 35.13 16.23 -15.67
N VAL H 90 35.96 15.19 -15.84
CA VAL H 90 35.54 13.75 -15.85
C VAL H 90 36.34 12.99 -14.78
N ASP H 91 35.65 12.18 -13.96
CA ASP H 91 36.29 11.25 -13.00
C ASP H 91 36.82 10.03 -13.78
N HIS H 92 37.54 9.15 -13.09
CA HIS H 92 38.21 7.94 -13.65
C HIS H 92 37.19 6.96 -14.26
N ASN H 93 35.99 6.85 -13.64
CA ASN H 93 35.00 5.78 -13.93
C ASN H 93 34.14 6.13 -15.16
N CYS H 94 34.44 7.22 -15.86
CA CYS H 94 33.74 7.61 -17.13
C CYS H 94 34.69 8.38 -18.05
N GLU H 95 35.90 7.85 -18.25
CA GLU H 95 36.90 8.42 -19.19
C GLU H 95 36.39 8.28 -20.63
N THR H 96 35.57 7.26 -20.91
CA THR H 96 35.08 6.87 -22.26
C THR H 96 33.72 7.53 -22.56
N ILE H 97 33.49 8.73 -22.02
CA ILE H 97 32.14 9.38 -21.95
C ILE H 97 31.64 9.70 -23.38
N ALA H 98 32.44 10.38 -24.20
CA ALA H 98 32.03 10.93 -25.50
C ALA H 98 31.50 9.81 -26.40
N LYS H 99 32.30 8.75 -26.55
CA LYS H 99 32.01 7.53 -27.37
C LYS H 99 30.67 6.93 -26.94
N ASP H 100 30.37 6.94 -25.63
CA ASP H 100 29.18 6.28 -25.04
C ASP H 100 27.90 6.99 -25.48
N ILE H 101 27.85 8.32 -25.35
CA ILE H 101 26.62 9.12 -25.65
C ILE H 101 26.49 9.31 -27.16
N PHE H 102 27.52 9.85 -27.81
CA PHE H 102 27.45 10.39 -29.20
C PHE H 102 27.96 9.37 -30.23
N GLY H 103 28.41 8.19 -29.80
CA GLY H 103 29.10 7.22 -30.68
C GLY H 103 30.36 7.85 -31.27
N THR H 104 30.16 8.70 -32.29
CA THR H 104 31.14 9.73 -32.75
C THR H 104 30.39 11.04 -32.97
N HIS H 105 29.26 11.00 -33.69
CA HIS H 105 28.32 12.13 -33.93
C HIS H 105 29.06 13.29 -34.60
N THR H 106 29.78 14.09 -33.81
CA THR H 106 30.54 15.28 -34.25
C THR H 106 31.20 15.93 -33.02
N LEU H 107 31.76 17.13 -33.19
CA LEU H 107 32.32 17.98 -32.10
C LEU H 107 33.58 17.33 -31.52
N ASN H 108 34.13 17.94 -30.47
CA ASN H 108 35.28 17.45 -29.66
C ASN H 108 34.76 16.80 -28.38
N GLN H 109 35.66 16.21 -27.59
CA GLN H 109 35.35 15.69 -26.23
C GLN H 109 35.09 16.86 -25.28
N HIS H 110 35.95 17.89 -25.31
CA HIS H 110 35.76 19.16 -24.58
C HIS H 110 34.34 19.69 -24.86
N GLN H 111 33.98 19.74 -26.15
CA GLN H 111 32.66 20.23 -26.65
C GLN H 111 31.55 19.25 -26.22
N ALA H 112 31.81 17.95 -26.32
CA ALA H 112 30.85 16.86 -25.96
C ALA H 112 30.60 16.87 -24.45
N ILE H 113 31.67 16.84 -23.64
CA ILE H 113 31.62 16.90 -22.15
C ILE H 113 30.93 18.21 -21.74
N GLY H 114 31.34 19.34 -22.34
CA GLY H 114 30.78 20.68 -22.06
C GLY H 114 29.31 20.74 -22.40
N LEU H 115 28.92 20.18 -23.54
CA LEU H 115 27.52 20.12 -24.05
C LEU H 115 26.65 19.36 -23.05
N VAL H 116 26.98 18.08 -22.80
CA VAL H 116 26.17 17.17 -21.95
C VAL H 116 26.07 17.78 -20.54
N GLY H 117 27.17 18.34 -20.03
CA GLY H 117 27.25 18.97 -18.70
C GLY H 117 26.27 20.14 -18.57
N THR H 118 26.24 20.98 -19.61
CA THR H 118 25.35 22.17 -19.73
C THR H 118 23.89 21.70 -19.69
N ILE H 119 23.56 20.62 -20.42
CA ILE H 119 22.18 20.04 -20.48
C ILE H 119 21.77 19.64 -19.05
N LEU H 120 22.67 18.99 -18.31
CA LEU H 120 22.36 18.47 -16.95
C LEU H 120 22.27 19.65 -15.98
N LEU H 121 23.20 20.60 -16.06
CA LEU H 121 23.18 21.78 -15.18
C LEU H 121 21.88 22.55 -15.42
N THR H 122 21.53 22.78 -16.68
CA THR H 122 20.36 23.56 -17.15
C THR H 122 19.06 22.92 -16.65
N ALA H 123 18.84 21.63 -16.90
CA ALA H 123 17.60 20.92 -16.51
C ALA H 123 17.56 20.80 -14.99
N GLY H 124 18.72 20.50 -14.39
CA GLY H 124 18.92 20.43 -12.93
C GLY H 124 18.55 21.75 -12.28
N LEU H 125 19.21 22.82 -12.70
CA LEU H 125 19.04 24.17 -12.10
C LEU H 125 17.58 24.63 -12.30
N MET H 126 17.05 24.44 -13.51
CA MET H 126 15.64 24.75 -13.83
C MET H 126 14.72 24.15 -12.75
N SER H 127 14.89 22.86 -12.46
CA SER H 127 14.03 22.10 -11.51
C SER H 127 14.11 22.69 -10.09
N THR H 128 15.23 23.31 -9.70
CA THR H 128 15.44 23.87 -8.34
C THR H 128 14.64 25.17 -8.16
N ILE H 129 14.40 25.92 -9.24
CA ILE H 129 13.79 27.28 -9.18
C ILE H 129 12.39 27.29 -9.80
N LYS H 130 12.05 26.38 -10.70
CA LYS H 130 10.79 26.44 -11.50
C LYS H 130 9.74 25.44 -11.02
N THR H 131 10.11 24.40 -10.29
CA THR H 131 9.19 23.27 -10.04
C THR H 131 7.95 23.79 -9.31
N PRO H 132 6.72 23.54 -9.83
CA PRO H 132 5.50 23.81 -9.06
C PRO H 132 5.45 22.82 -7.89
N VAL H 133 5.20 23.35 -6.70
CA VAL H 133 5.09 22.57 -5.44
C VAL H 133 3.62 22.43 -5.07
N ASN H 134 3.20 21.25 -4.61
CA ASN H 134 1.83 21.05 -4.08
C ASN H 134 1.88 20.04 -2.92
N ALA H 135 0.72 19.56 -2.47
CA ALA H 135 0.59 18.67 -1.29
C ALA H 135 1.33 17.35 -1.52
N THR H 136 1.63 16.96 -2.78
CA THR H 136 2.19 15.61 -3.11
C THR H 136 3.69 15.69 -3.39
N THR H 137 4.30 16.87 -3.36
CA THR H 137 5.72 17.06 -3.73
C THR H 137 6.61 16.23 -2.79
N ILE H 138 6.18 16.04 -1.54
CA ILE H 138 6.94 15.25 -0.52
C ILE H 138 7.12 13.79 -0.98
N LYS H 139 6.20 13.19 -1.77
CA LYS H 139 6.25 11.73 -2.07
C LYS H 139 7.61 11.35 -2.66
N GLU H 140 8.04 12.02 -3.74
CA GLU H 140 9.26 11.63 -4.49
C GLU H 140 10.47 12.22 -3.77
N PHE H 141 10.30 13.27 -2.97
CA PHE H 141 11.36 13.76 -2.05
C PHE H 141 11.76 12.60 -1.12
N PHE H 142 10.80 11.95 -0.48
CA PHE H 142 11.05 10.89 0.52
C PHE H 142 11.46 9.58 -0.19
N ASN H 143 10.91 9.34 -1.37
CA ASN H 143 11.10 8.09 -2.14
C ASN H 143 12.51 7.99 -2.74
N HIS H 144 13.16 9.11 -3.06
CA HIS H 144 14.52 9.14 -3.65
C HIS H 144 15.41 10.05 -2.80
N ALA H 145 15.63 9.64 -1.54
CA ALA H 145 16.40 10.38 -0.52
C ALA H 145 17.89 10.16 -0.82
N VAL H 146 18.70 11.22 -0.62
CA VAL H 146 20.17 11.20 -0.87
C VAL H 146 20.82 10.38 0.25
N GLU H 147 21.92 9.69 -0.06
CA GLU H 147 22.71 8.87 0.89
C GLU H 147 23.42 9.81 1.89
C1 GOL I . -49.53 -33.06 -0.83
O1 GOL I . -48.89 -31.94 -0.22
C2 GOL I . -49.39 -34.32 0.00
O2 GOL I . -49.40 -35.46 -0.85
C3 GOL I . -48.14 -34.34 0.85
O3 GOL I . -47.79 -35.67 1.24
S SO4 J . -34.43 -46.90 -18.44
O1 SO4 J . -34.99 -45.70 -17.90
O2 SO4 J . -33.05 -46.68 -18.78
O3 SO4 J . -35.15 -47.28 -19.63
O4 SO4 J . -34.51 -47.96 -17.47
C1 GOL K . -23.40 -16.15 -6.98
O1 GOL K . -22.86 -16.94 -5.93
C2 GOL K . -23.32 -14.67 -6.63
O2 GOL K . -23.83 -13.91 -7.73
C3 GOL K . -21.89 -14.23 -6.31
O3 GOL K . -21.47 -14.65 -5.02
S SO4 L . -46.33 -1.16 18.38
O1 SO4 L . -46.20 -0.07 17.45
O2 SO4 L . -46.28 -0.64 19.72
O3 SO4 L . -47.58 -1.82 18.17
O4 SO4 L . -45.25 -2.09 18.18
S SO4 M . -4.42 0.77 -1.91
O1 SO4 M . -3.14 1.07 -1.30
O2 SO4 M . -5.18 1.97 -2.03
O3 SO4 M . -5.13 -0.17 -1.08
O4 SO4 M . -4.19 0.20 -3.20
S SO4 N . 3.47 -0.75 -5.41
O1 SO4 N . 2.96 -0.77 -4.08
O2 SO4 N . 4.74 -0.04 -5.43
O3 SO4 N . 3.67 -2.10 -5.88
O4 SO4 N . 2.54 -0.07 -6.27
C1 GOL O . -16.57 -29.40 -15.37
O1 GOL O . -15.79 -29.66 -16.52
C2 GOL O . -16.11 -30.22 -14.19
O2 GOL O . -15.64 -29.36 -13.16
C3 GOL O . -17.19 -31.13 -13.63
O3 GOL O . -17.38 -32.29 -14.43
S SO4 P . -5.16 2.38 4.61
O1 SO4 P . -6.06 3.17 3.79
O2 SO4 P . -4.64 3.19 5.68
O3 SO4 P . -5.89 1.27 5.16
O4 SO4 P . -4.08 1.89 3.81
S SO4 Q . -0.32 3.69 -2.53
O1 SO4 Q . -0.33 4.83 -1.66
O2 SO4 Q . 0.95 3.61 -3.20
O3 SO4 Q . -1.37 3.83 -3.51
O4 SO4 Q . -0.53 2.50 -1.76
S SO4 R . 5.20 4.17 23.11
O1 SO4 R . 5.27 5.60 23.24
O2 SO4 R . 5.16 3.57 24.41
O3 SO4 R . 4.02 3.81 22.38
O4 SO4 R . 6.36 3.69 22.41
C1 GOL S . 12.93 35.09 9.44
O1 GOL S . 14.23 34.60 9.79
C2 GOL S . 11.83 34.22 10.01
O2 GOL S . 10.59 34.92 9.96
C3 GOL S . 11.69 32.88 9.29
O3 GOL S . 10.96 31.94 10.05
S SO4 T . 25.13 55.30 6.15
O1 SO4 T . 24.11 56.30 6.00
O2 SO4 T . 26.42 55.92 6.09
O3 SO4 T . 25.01 54.34 5.09
O4 SO4 T . 24.99 54.64 7.42
C1 GOL U . 9.83 26.08 -5.58
O1 GOL U . 8.91 26.20 -6.64
C2 GOL U . 11.20 25.66 -6.07
O2 GOL U . 12.21 26.11 -5.17
C3 GOL U . 11.31 24.16 -6.28
O3 GOL U . 11.40 23.43 -5.06
#